data_1VTI
# 
_entry.id   1VTI 
# 
_audit_conform.dict_name       mmcif_pdbx.dic 
_audit_conform.dict_version    5.383 
_audit_conform.dict_location   http://mmcif.pdb.org/dictionaries/ascii/mmcif_pdbx.dic 
# 
loop_
_database_2.database_id 
_database_2.database_code 
_database_2.pdbx_database_accession 
_database_2.pdbx_DOI 
PDB   1VTI         pdb_00001vti 10.2210/pdb1vti/pdb 
NDB   DDF032       ?            ?                   
RCSB  RCSB003042   ?            ?                   
WWPDB D_1000003042 ?            ?                   
# 
loop_
_pdbx_audit_revision_history.ordinal 
_pdbx_audit_revision_history.data_content_type 
_pdbx_audit_revision_history.major_revision 
_pdbx_audit_revision_history.minor_revision 
_pdbx_audit_revision_history.revision_date 
1 'Structure model' 1 0 2011-07-13 
2 'Structure model' 1 1 2023-12-27 
# 
_pdbx_audit_revision_details.ordinal             1 
_pdbx_audit_revision_details.revision_ordinal    1 
_pdbx_audit_revision_details.data_content_type   'Structure model' 
_pdbx_audit_revision_details.provider            repository 
_pdbx_audit_revision_details.type                'Initial release' 
_pdbx_audit_revision_details.description         ? 
_pdbx_audit_revision_details.details             ? 
# 
loop_
_pdbx_audit_revision_group.ordinal 
_pdbx_audit_revision_group.revision_ordinal 
_pdbx_audit_revision_group.data_content_type 
_pdbx_audit_revision_group.group 
1 2 'Structure model' 'Data collection'      
2 2 'Structure model' 'Database references'  
3 2 'Structure model' 'Derived calculations' 
# 
loop_
_pdbx_audit_revision_category.ordinal 
_pdbx_audit_revision_category.revision_ordinal 
_pdbx_audit_revision_category.data_content_type 
_pdbx_audit_revision_category.category 
1 2 'Structure model' chem_comp_atom 
2 2 'Structure model' chem_comp_bond 
3 2 'Structure model' database_2     
4 2 'Structure model' struct_site    
# 
loop_
_pdbx_audit_revision_item.ordinal 
_pdbx_audit_revision_item.revision_ordinal 
_pdbx_audit_revision_item.data_content_type 
_pdbx_audit_revision_item.item 
1 2 'Structure model' '_database_2.pdbx_DOI'                
2 2 'Structure model' '_database_2.pdbx_database_accession' 
3 2 'Structure model' '_struct_site.pdbx_auth_asym_id'      
4 2 'Structure model' '_struct_site.pdbx_auth_comp_id'      
5 2 'Structure model' '_struct_site.pdbx_auth_seq_id'       
# 
_pdbx_database_status.status_code                     REL 
_pdbx_database_status.entry_id                        1VTI 
_pdbx_database_status.recvd_initial_deposition_date   1992-03-01 
_pdbx_database_status.deposit_site                    RCSB 
_pdbx_database_status.process_site                    RCSB 
_pdbx_database_status.SG_entry                        ? 
_pdbx_database_status.status_code_sf                  ? 
_pdbx_database_status.status_code_mr                  ? 
_pdbx_database_status.status_code_cs                  ? 
_pdbx_database_status.pdb_format_compatible           Y 
_pdbx_database_status.status_code_nmr_data            ? 
_pdbx_database_status.methods_development_category    ? 
# 
loop_
_audit_author.name 
_audit_author.pdbx_ordinal 
'Nunn, C.M.'       1 
'Van Meervelt, L.' 2 
'Zhang, S.'        3 
'Moore, M.H.'      4 
'Kennard, O.'      5 
# 
loop_
_citation.id 
_citation.title 
_citation.journal_abbrev 
_citation.journal_volume 
_citation.page_first 
_citation.page_last 
_citation.year 
_citation.journal_id_ASTM 
_citation.country 
_citation.journal_id_ISSN 
_citation.journal_id_CSD 
_citation.book_publisher 
_citation.pdbx_database_id_PubMed 
_citation.pdbx_database_id_DOI 
primary 'DNA-Drug Interactions: The Crystal Structures of d(TGTACA) and d(TGATCA) Complexed with Daunomycin' J.Mol.Biol. 222 167 
177 1991 JMOBAK UK 0022-2836 0070 ? ? ? 
1       'DNA-Drug Interactions: The Crystal Structure of d(CGATCG) Complexed with Daunomycin'                J.Mol.Biol. 206 693 
705 1989 JMOBAK UK 0022-2836 0070 ? ? ? 
# 
loop_
_citation_author.citation_id 
_citation_author.name 
_citation_author.ordinal 
_citation_author.identifier_ORCID 
primary 'Nunn, C.M.'        1 ? 
primary 'Van Meervelt, L.'  2 ? 
primary 'Zhang, S.'         3 ? 
primary 'Moore, M.H.'       4 ? 
primary 'Kennard, O.'       5 ? 
1       'Moore, M.H.'       6 ? 
1       'Hunter, W.N.'      7 ? 
1       
;D'Estaintot, B.L.
;
8 ? 
1       'Kennard, O.'       9 ? 
# 
loop_
_entity.id 
_entity.type 
_entity.src_method 
_entity.pdbx_description 
_entity.formula_weight 
_entity.pdbx_number_of_molecules 
_entity.pdbx_ec 
_entity.pdbx_mutation 
_entity.pdbx_fragment 
_entity.details 
1 polymer     syn 
;DNA (5'-D(*TP*GP*TP*AP*CP*A)-3')
;
1808.229 1  ? ? ? ? 
2 non-polymer syn DAUNOMYCIN                         527.520  1  ? ? ? ? 
3 water       nat water                              18.015   52 ? ? ? ? 
# 
_entity_poly.entity_id                      1 
_entity_poly.type                           polydeoxyribonucleotide 
_entity_poly.nstd_linkage                   no 
_entity_poly.nstd_monomer                   no 
_entity_poly.pdbx_seq_one_letter_code       '(DT)(DG)(DA)(DT)(DC)(DA)' 
_entity_poly.pdbx_seq_one_letter_code_can   TGATCA 
_entity_poly.pdbx_strand_id                 A 
_entity_poly.pdbx_target_identifier         ? 
# 
loop_
_pdbx_entity_nonpoly.entity_id 
_pdbx_entity_nonpoly.name 
_pdbx_entity_nonpoly.comp_id 
2 DAUNOMYCIN DM1 
3 water      HOH 
# 
loop_
_entity_poly_seq.entity_id 
_entity_poly_seq.num 
_entity_poly_seq.mon_id 
_entity_poly_seq.hetero 
1 1 DT n 
1 2 DG n 
1 3 DA n 
1 4 DT n 
1 5 DC n 
1 6 DA n 
# 
loop_
_chem_comp.id 
_chem_comp.type 
_chem_comp.mon_nstd_flag 
_chem_comp.name 
_chem_comp.pdbx_synonyms 
_chem_comp.formula 
_chem_comp.formula_weight 
DA  'DNA linking' y "2'-DEOXYADENOSINE-5'-MONOPHOSPHATE" ?            'C10 H14 N5 O6 P' 331.222 
DC  'DNA linking' y "2'-DEOXYCYTIDINE-5'-MONOPHOSPHATE"  ?            'C9 H14 N3 O7 P'  307.197 
DG  'DNA linking' y "2'-DEOXYGUANOSINE-5'-MONOPHOSPHATE" ?            'C10 H14 N5 O7 P' 347.221 
DM1 non-polymer   . DAUNOMYCIN                           DAUNORUBICIN 'C27 H29 N O10'   527.520 
DT  'DNA linking' y "THYMIDINE-5'-MONOPHOSPHATE"         ?            'C10 H15 N2 O8 P' 322.208 
HOH non-polymer   . WATER                                ?            'H2 O'            18.015  
# 
loop_
_pdbx_poly_seq_scheme.asym_id 
_pdbx_poly_seq_scheme.entity_id 
_pdbx_poly_seq_scheme.seq_id 
_pdbx_poly_seq_scheme.mon_id 
_pdbx_poly_seq_scheme.ndb_seq_num 
_pdbx_poly_seq_scheme.pdb_seq_num 
_pdbx_poly_seq_scheme.auth_seq_num 
_pdbx_poly_seq_scheme.pdb_mon_id 
_pdbx_poly_seq_scheme.auth_mon_id 
_pdbx_poly_seq_scheme.pdb_strand_id 
_pdbx_poly_seq_scheme.pdb_ins_code 
_pdbx_poly_seq_scheme.hetero 
A 1 1 DT 1 1 1 DT T A . n 
A 1 2 DG 2 2 2 DG G A . n 
A 1 3 DA 3 3 3 DA A A . n 
A 1 4 DT 4 4 4 DT T A . n 
A 1 5 DC 5 5 5 DC C A . n 
A 1 6 DA 6 6 6 DA A A . n 
# 
loop_
_pdbx_nonpoly_scheme.asym_id 
_pdbx_nonpoly_scheme.entity_id 
_pdbx_nonpoly_scheme.mon_id 
_pdbx_nonpoly_scheme.ndb_seq_num 
_pdbx_nonpoly_scheme.pdb_seq_num 
_pdbx_nonpoly_scheme.auth_seq_num 
_pdbx_nonpoly_scheme.pdb_mon_id 
_pdbx_nonpoly_scheme.auth_mon_id 
_pdbx_nonpoly_scheme.pdb_strand_id 
_pdbx_nonpoly_scheme.pdb_ins_code 
B 2 DM1 1  7  7  DM1 DM1 A . 
C 3 HOH 1  8  8  HOH HOH A . 
C 3 HOH 2  9  9  HOH HOH A . 
C 3 HOH 3  10 10 HOH HOH A . 
C 3 HOH 4  11 11 HOH HOH A . 
C 3 HOH 5  12 12 HOH HOH A . 
C 3 HOH 6  13 13 HOH HOH A . 
C 3 HOH 7  14 14 HOH HOH A . 
C 3 HOH 8  15 15 HOH HOH A . 
C 3 HOH 9  16 16 HOH HOH A . 
C 3 HOH 10 17 17 HOH HOH A . 
C 3 HOH 11 18 18 HOH HOH A . 
C 3 HOH 12 19 19 HOH HOH A . 
C 3 HOH 13 20 20 HOH HOH A . 
C 3 HOH 14 21 21 HOH HOH A . 
C 3 HOH 15 22 22 HOH HOH A . 
C 3 HOH 16 23 23 HOH HOH A . 
C 3 HOH 17 24 24 HOH HOH A . 
C 3 HOH 18 25 25 HOH HOH A . 
C 3 HOH 19 26 26 HOH HOH A . 
C 3 HOH 20 27 27 HOH HOH A . 
C 3 HOH 21 28 28 HOH HOH A . 
C 3 HOH 22 29 29 HOH HOH A . 
C 3 HOH 23 30 30 HOH HOH A . 
C 3 HOH 24 31 31 HOH HOH A . 
C 3 HOH 25 32 32 HOH HOH A . 
C 3 HOH 26 33 33 HOH HOH A . 
C 3 HOH 27 34 34 HOH HOH A . 
C 3 HOH 28 35 35 HOH HOH A . 
C 3 HOH 29 36 36 HOH HOH A . 
C 3 HOH 30 37 37 HOH HOH A . 
C 3 HOH 31 38 38 HOH HOH A . 
C 3 HOH 32 39 39 HOH HOH A . 
C 3 HOH 33 40 40 HOH HOH A . 
C 3 HOH 34 41 41 HOH HOH A . 
C 3 HOH 35 42 42 HOH HOH A . 
C 3 HOH 36 43 43 HOH HOH A . 
C 3 HOH 37 44 44 HOH HOH A . 
C 3 HOH 38 45 45 HOH HOH A . 
C 3 HOH 39 46 46 HOH HOH A . 
C 3 HOH 40 47 47 HOH HOH A . 
C 3 HOH 41 48 48 HOH HOH A . 
C 3 HOH 42 49 49 HOH HOH A . 
C 3 HOH 43 50 50 HOH HOH A . 
C 3 HOH 44 51 51 HOH HOH A . 
C 3 HOH 45 52 52 HOH HOH A . 
C 3 HOH 46 53 53 HOH HOH A . 
C 3 HOH 47 54 54 HOH HOH A . 
C 3 HOH 48 55 55 HOH HOH A . 
C 3 HOH 49 56 56 HOH HOH A . 
C 3 HOH 50 57 57 HOH HOH A . 
C 3 HOH 51 58 58 HOH HOH A . 
C 3 HOH 52 59 59 HOH HOH A . 
# 
_software.name             NUCLSQ 
_software.classification   refinement 
_software.version          . 
_software.citation_id      ? 
_software.pdbx_ordinal     1 
# 
_cell.entry_id           1VTI 
_cell.length_a           28.110 
_cell.length_b           28.110 
_cell.length_c           52.880 
_cell.angle_alpha        90.00 
_cell.angle_beta         90.00 
_cell.angle_gamma        90.00 
_cell.Z_PDB              8 
_cell.pdbx_unique_axis   ? 
_cell.length_a_esd       ? 
_cell.length_b_esd       ? 
_cell.length_c_esd       ? 
_cell.angle_alpha_esd    ? 
_cell.angle_beta_esd     ? 
_cell.angle_gamma_esd    ? 
# 
_symmetry.entry_id                         1VTI 
_symmetry.space_group_name_H-M             'P 41 21 2' 
_symmetry.pdbx_full_space_group_name_H-M   ? 
_symmetry.cell_setting                     ? 
_symmetry.Int_Tables_number                92 
_symmetry.space_group_name_Hall            ? 
# 
_exptl.entry_id          1VTI 
_exptl.method            'X-RAY DIFFRACTION' 
_exptl.crystals_number   ? 
# 
_exptl_crystal.id                    1 
_exptl_crystal.density_meas          ? 
_exptl_crystal.density_percent_sol   57.42 
_exptl_crystal.density_Matthews      2.89 
_exptl_crystal.description           ? 
_exptl_crystal.F_000                 ? 
_exptl_crystal.preparation           ? 
# 
_exptl_crystal_grow.crystal_id      1 
_exptl_crystal_grow.method          'VAPOR DIFFUSION' 
_exptl_crystal_grow.temp            293.00 
_exptl_crystal_grow.temp_details    ? 
_exptl_crystal_grow.pH              6.50 
_exptl_crystal_grow.pdbx_details    'pH 6.50, VAPOR DIFFUSION, temperature 293.00K' 
_exptl_crystal_grow.pdbx_pH_range   ? 
# 
loop_
_exptl_crystal_grow_comp.crystal_id 
_exptl_crystal_grow_comp.id 
_exptl_crystal_grow_comp.sol_id 
_exptl_crystal_grow_comp.name 
_exptl_crystal_grow_comp.volume 
_exptl_crystal_grow_comp.conc 
_exptl_crystal_grow_comp.details 
1 1 1 WATER           1  2  3  
1 2 1 MPD             4  5  6  
1 3 1 'MG ACETATE'    7  8  9  
1 4 1 SPERMINE_HCL    10 11 12 
1 5 1 'NA CACODYLATE' 13 14 15 
1 6 2 WATER           16 17 18 
1 7 2 MPD             19 20 21 
# 
_diffrn.id                     1 
_diffrn.ambient_temp           275.00 
_diffrn.ambient_temp_details   ? 
_diffrn.crystal_id             1 
# 
_diffrn_detector.diffrn_id              1 
_diffrn_detector.detector               DIFFRACTOMETER 
_diffrn_detector.type                   'SYNTEX P21' 
_diffrn_detector.pdbx_collection_date   ? 
_diffrn_detector.details                ? 
# 
_diffrn_radiation.diffrn_id                        1 
_diffrn_radiation.wavelength_id                    1 
_diffrn_radiation.pdbx_monochromatic_or_laue_m_l   M 
_diffrn_radiation.monochromator                    ? 
_diffrn_radiation.pdbx_diffrn_protocol             'SINGLE WAVELENGTH' 
_diffrn_radiation.pdbx_scattering_type             x-ray 
# 
_diffrn_radiation_wavelength.id           1 
_diffrn_radiation_wavelength.wavelength   . 
_diffrn_radiation_wavelength.wt           1.0 
# 
_reflns.entry_id                     1VTI 
_reflns.observed_criterion_sigma_I   0.000 
_reflns.observed_criterion_sigma_F   ? 
_reflns.d_resolution_low             ? 
_reflns.d_resolution_high            1.700 
_reflns.number_obs                   2626 
_reflns.number_all                   ? 
_reflns.percent_possible_obs         ? 
_reflns.pdbx_Rmerge_I_obs            ? 
_reflns.pdbx_Rsym_value              ? 
_reflns.pdbx_netI_over_sigmaI        ? 
_reflns.B_iso_Wilson_estimate        ? 
_reflns.pdbx_redundancy              ? 
_reflns.R_free_details               ? 
_reflns.pdbx_ordinal                 1 
_reflns.pdbx_diffrn_id               1 
_reflns.pdbx_chi_squared             ? 
_reflns.pdbx_scaling_rejects         ? 
# 
_refine.entry_id                                 1VTI 
_refine.ls_number_reflns_obs                     1885 
_refine.ls_number_reflns_all                     ? 
_refine.pdbx_ls_sigma_I                          ? 
_refine.pdbx_ls_sigma_F                          3.000 
_refine.pdbx_data_cutoff_high_absF               ? 
_refine.pdbx_data_cutoff_low_absF                ? 
_refine.pdbx_data_cutoff_high_rms_absF           ? 
_refine.ls_d_res_low                             10.000 
_refine.ls_d_res_high                            1.700 
_refine.ls_percent_reflns_obs                    ? 
_refine.ls_R_factor_obs                          0.2600000 
_refine.ls_R_factor_all                          ? 
_refine.ls_R_factor_R_work                       ? 
_refine.ls_R_factor_R_free                       ? 
_refine.ls_R_factor_R_free_error                 ? 
_refine.ls_R_factor_R_free_error_details         ? 
_refine.ls_percent_reflns_R_free                 ? 
_refine.ls_number_reflns_R_free                  ? 
_refine.ls_number_parameters                     ? 
_refine.ls_number_restraints                     ? 
_refine.occupancy_min                            ? 
_refine.occupancy_max                            ? 
_refine.B_iso_mean                               ? 
_refine.aniso_B[1][1]                            ? 
_refine.aniso_B[2][2]                            ? 
_refine.aniso_B[3][3]                            ? 
_refine.aniso_B[1][2]                            ? 
_refine.aniso_B[1][3]                            ? 
_refine.aniso_B[2][3]                            ? 
_refine.solvent_model_details                    ? 
_refine.solvent_model_param_ksol                 ? 
_refine.solvent_model_param_bsol                 ? 
_refine.pdbx_ls_cross_valid_method               ? 
_refine.details                                  ? 
_refine.pdbx_starting_model                      ? 
_refine.pdbx_method_to_determine_struct          ? 
_refine.pdbx_isotropic_thermal_model             ? 
_refine.pdbx_stereochemistry_target_values       ? 
_refine.pdbx_stereochem_target_val_spec_case     ? 
_refine.pdbx_R_Free_selection_details            ? 
_refine.pdbx_overall_ESU_R_Free                  ? 
_refine.overall_SU_ML                            ? 
_refine.overall_SU_B                             ? 
_refine.ls_redundancy_reflns_obs                 ? 
_refine.correlation_coeff_Fo_to_Fc               ? 
_refine.correlation_coeff_Fo_to_Fc_free          ? 
_refine.overall_SU_R_Cruickshank_DPI             ? 
_refine.overall_SU_R_free                        ? 
_refine.pdbx_diffrn_id                           1 
_refine.pdbx_refine_id                           'X-RAY DIFFRACTION' 
_refine.pdbx_overall_phase_error                 ? 
_refine.pdbx_solvent_vdw_probe_radii             ? 
_refine.pdbx_solvent_ion_probe_radii             ? 
_refine.pdbx_solvent_shrinkage_radii             ? 
_refine.ls_wR_factor_R_free                      ? 
_refine.ls_wR_factor_R_work                      ? 
_refine.overall_FOM_free_R_set                   ? 
_refine.overall_FOM_work_R_set                   ? 
_refine.pdbx_overall_ESU_R                       ? 
_refine.pdbx_TLS_residual_ADP_flag               ? 
_refine.pdbx_overall_SU_R_free_Cruickshank_DPI   ? 
_refine.pdbx_overall_SU_R_Blow_DPI               ? 
_refine.pdbx_overall_SU_R_free_Blow_DPI          ? 
# 
_refine_hist.pdbx_refine_id                   'X-RAY DIFFRACTION' 
_refine_hist.cycle_id                         LAST 
_refine_hist.pdbx_number_atoms_protein        0 
_refine_hist.pdbx_number_atoms_nucleic_acid   120 
_refine_hist.pdbx_number_atoms_ligand         38 
_refine_hist.number_atoms_solvent             52 
_refine_hist.number_atoms_total               210 
_refine_hist.d_res_high                       1.700 
_refine_hist.d_res_low                        10.000 
# 
_struct.entry_id                  1VTI 
_struct.title                     'DNA-DRUG INTERACTIONS: THE CRYSTAL STRUCTURES OF D(TGATCA) COMPLEXED WITH DAUNOMYCIN' 
_struct.pdbx_model_details        ? 
_struct.pdbx_CASP_flag            ? 
_struct.pdbx_model_type_details   ? 
# 
_struct_keywords.entry_id        1VTI 
_struct_keywords.pdbx_keywords   DNA 
_struct_keywords.text            'RIGHT HANDED DNA, DOUBLE HELIX, COMPLEXED WITH DRUG, DNA' 
# 
loop_
_struct_asym.id 
_struct_asym.pdbx_blank_PDB_chainid_flag 
_struct_asym.pdbx_modified 
_struct_asym.entity_id 
_struct_asym.details 
A N N 1 ? 
B N N 2 ? 
C N N 3 ? 
# 
_struct_ref.id                         1 
_struct_ref.db_name                    PDB 
_struct_ref.db_code                    1VTI 
_struct_ref.pdbx_db_accession          1VTI 
_struct_ref.entity_id                  1 
_struct_ref.pdbx_align_begin           ? 
_struct_ref.pdbx_seq_one_letter_code   ? 
_struct_ref.pdbx_db_isoform            ? 
# 
_struct_ref_seq.align_id                      1 
_struct_ref_seq.ref_id                        1 
_struct_ref_seq.pdbx_PDB_id_code              1VTI 
_struct_ref_seq.pdbx_strand_id                A 
_struct_ref_seq.seq_align_beg                 1 
_struct_ref_seq.pdbx_seq_align_beg_ins_code   ? 
_struct_ref_seq.seq_align_end                 6 
_struct_ref_seq.pdbx_seq_align_end_ins_code   ? 
_struct_ref_seq.pdbx_db_accession             1VTI 
_struct_ref_seq.db_align_beg                  1 
_struct_ref_seq.pdbx_db_align_beg_ins_code    ? 
_struct_ref_seq.db_align_end                  6 
_struct_ref_seq.pdbx_db_align_end_ins_code    ? 
_struct_ref_seq.pdbx_auth_seq_align_beg       1 
_struct_ref_seq.pdbx_auth_seq_align_end       6 
# 
_pdbx_struct_assembly.id                   1 
_pdbx_struct_assembly.details              author_defined_assembly 
_pdbx_struct_assembly.method_details       ? 
_pdbx_struct_assembly.oligomeric_details   dimeric 
_pdbx_struct_assembly.oligomeric_count     2 
# 
_pdbx_struct_assembly_gen.assembly_id       1 
_pdbx_struct_assembly_gen.oper_expression   1,2 
_pdbx_struct_assembly_gen.asym_id_list      A,B,C 
# 
loop_
_pdbx_struct_oper_list.id 
_pdbx_struct_oper_list.type 
_pdbx_struct_oper_list.name 
_pdbx_struct_oper_list.symmetry_operation 
_pdbx_struct_oper_list.matrix[1][1] 
_pdbx_struct_oper_list.matrix[1][2] 
_pdbx_struct_oper_list.matrix[1][3] 
_pdbx_struct_oper_list.vector[1] 
_pdbx_struct_oper_list.matrix[2][1] 
_pdbx_struct_oper_list.matrix[2][2] 
_pdbx_struct_oper_list.matrix[2][3] 
_pdbx_struct_oper_list.vector[2] 
_pdbx_struct_oper_list.matrix[3][1] 
_pdbx_struct_oper_list.matrix[3][2] 
_pdbx_struct_oper_list.matrix[3][3] 
_pdbx_struct_oper_list.vector[3] 
1 'identity operation'         1_555 x,y,z            1.0000000000 0.0000000000  0.0000000000 0.0000000000  0.0000000000  1.0000000000  0.0000000000  0.0000000000 0.0000000000 0.0000000000  1.0000000000  0.0000000000 
2 'crystal symmetry operation' 8_665 -y+1,-x+1,-z+1/2 0.7266655991 -0.2305346944 0.6471559795 -0.5115419490 -0.2305346944 -0.9692203022 -0.0864046322 3.9893883277 0.6471559795 -0.0864046322 -0.7574452968 2.7859656121 
# 
_struct_biol.id                    1 
_struct_biol.pdbx_parent_biol_id   ? 
_struct_biol.details               ? 
# 
loop_
_struct_conn.id 
_struct_conn.conn_type_id 
_struct_conn.pdbx_leaving_atom_flag 
_struct_conn.pdbx_PDB_id 
_struct_conn.ptnr1_label_asym_id 
_struct_conn.ptnr1_label_comp_id 
_struct_conn.ptnr1_label_seq_id 
_struct_conn.ptnr1_label_atom_id 
_struct_conn.pdbx_ptnr1_label_alt_id 
_struct_conn.pdbx_ptnr1_PDB_ins_code 
_struct_conn.pdbx_ptnr1_standard_comp_id 
_struct_conn.ptnr1_symmetry 
_struct_conn.ptnr2_label_asym_id 
_struct_conn.ptnr2_label_comp_id 
_struct_conn.ptnr2_label_seq_id 
_struct_conn.ptnr2_label_atom_id 
_struct_conn.pdbx_ptnr2_label_alt_id 
_struct_conn.pdbx_ptnr2_PDB_ins_code 
_struct_conn.ptnr1_auth_asym_id 
_struct_conn.ptnr1_auth_comp_id 
_struct_conn.ptnr1_auth_seq_id 
_struct_conn.ptnr2_auth_asym_id 
_struct_conn.ptnr2_auth_comp_id 
_struct_conn.ptnr2_auth_seq_id 
_struct_conn.ptnr2_symmetry 
_struct_conn.pdbx_ptnr3_label_atom_id 
_struct_conn.pdbx_ptnr3_label_seq_id 
_struct_conn.pdbx_ptnr3_label_comp_id 
_struct_conn.pdbx_ptnr3_label_asym_id 
_struct_conn.pdbx_ptnr3_label_alt_id 
_struct_conn.pdbx_ptnr3_PDB_ins_code 
_struct_conn.details 
_struct_conn.pdbx_dist_value 
_struct_conn.pdbx_value_order 
_struct_conn.pdbx_role 
hydrog1  hydrog ? ? A DT 1 N3 ? ? ? 1_555 A DA 6 N1 ? ? A DT 1 A DA 6 8_665 ? ? ? ? ? ? WATSON-CRICK ? ? ? 
hydrog2  hydrog ? ? A DT 1 O4 ? ? ? 1_555 A DA 6 N6 ? ? A DT 1 A DA 6 8_665 ? ? ? ? ? ? WATSON-CRICK ? ? ? 
hydrog3  hydrog ? ? A DG 2 N1 ? ? ? 1_555 A DC 5 N3 ? ? A DG 2 A DC 5 8_665 ? ? ? ? ? ? WATSON-CRICK ? ? ? 
hydrog4  hydrog ? ? A DG 2 N2 ? ? ? 1_555 A DC 5 O2 ? ? A DG 2 A DC 5 8_665 ? ? ? ? ? ? WATSON-CRICK ? ? ? 
hydrog5  hydrog ? ? A DG 2 O6 ? ? ? 1_555 A DC 5 N4 ? ? A DG 2 A DC 5 8_665 ? ? ? ? ? ? WATSON-CRICK ? ? ? 
hydrog6  hydrog ? ? A DA 3 N1 ? ? ? 1_555 A DT 4 N3 ? ? A DA 3 A DT 4 8_665 ? ? ? ? ? ? WATSON-CRICK ? ? ? 
hydrog7  hydrog ? ? A DA 3 N6 ? ? ? 1_555 A DT 4 O4 ? ? A DA 3 A DT 4 8_665 ? ? ? ? ? ? WATSON-CRICK ? ? ? 
hydrog8  hydrog ? ? A DT 4 N3 ? ? ? 1_555 A DA 3 N1 ? ? A DT 4 A DA 3 8_665 ? ? ? ? ? ? WATSON-CRICK ? ? ? 
hydrog9  hydrog ? ? A DT 4 O4 ? ? ? 1_555 A DA 3 N6 ? ? A DT 4 A DA 3 8_665 ? ? ? ? ? ? WATSON-CRICK ? ? ? 
hydrog10 hydrog ? ? A DC 5 N3 ? ? ? 1_555 A DG 2 N1 ? ? A DC 5 A DG 2 8_665 ? ? ? ? ? ? WATSON-CRICK ? ? ? 
hydrog11 hydrog ? ? A DC 5 N4 ? ? ? 1_555 A DG 2 O6 ? ? A DC 5 A DG 2 8_665 ? ? ? ? ? ? WATSON-CRICK ? ? ? 
hydrog12 hydrog ? ? A DC 5 O2 ? ? ? 1_555 A DG 2 N2 ? ? A DC 5 A DG 2 8_665 ? ? ? ? ? ? WATSON-CRICK ? ? ? 
hydrog13 hydrog ? ? A DA 6 N1 ? ? ? 1_555 A DT 1 N3 ? ? A DA 6 A DT 1 8_665 ? ? ? ? ? ? WATSON-CRICK ? ? ? 
hydrog14 hydrog ? ? A DA 6 N6 ? ? ? 1_555 A DT 1 O4 ? ? A DA 6 A DT 1 8_665 ? ? ? ? ? ? WATSON-CRICK ? ? ? 
# 
_struct_conn_type.id          hydrog 
_struct_conn_type.criteria    ? 
_struct_conn_type.reference   ? 
# 
loop_
_struct_site.id 
_struct_site.pdbx_evidence_code 
_struct_site.pdbx_auth_asym_id 
_struct_site.pdbx_auth_comp_id 
_struct_site.pdbx_auth_seq_id 
_struct_site.pdbx_auth_ins_code 
_struct_site.pdbx_num_residues 
_struct_site.details 
AC1 Software A DM1 7 ? 10 'BINDING SITE FOR RESIDUE DM1 A 7' 
1   ?        ? ?   ? ? ?  ?                                  
# 
loop_
_struct_site_gen.id 
_struct_site_gen.site_id 
_struct_site_gen.pdbx_num_res 
_struct_site_gen.label_comp_id 
_struct_site_gen.label_asym_id 
_struct_site_gen.label_seq_id 
_struct_site_gen.pdbx_auth_ins_code 
_struct_site_gen.auth_comp_id 
_struct_site_gen.auth_asym_id 
_struct_site_gen.auth_seq_id 
_struct_site_gen.label_atom_id 
_struct_site_gen.label_alt_id 
_struct_site_gen.symmetry 
_struct_site_gen.details 
1  AC1 10 DT  A 1 ? DT  A 1  . ? 8_665 ? 
2  AC1 10 DG  A 2 ? DG  A 2  . ? 8_665 ? 
3  AC1 10 DA  A 3 ? DA  A 3  . ? 8_665 ? 
4  AC1 10 DT  A 4 ? DT  A 4  . ? 1_555 ? 
5  AC1 10 DC  A 5 ? DC  A 5  . ? 1_555 ? 
6  AC1 10 DA  A 6 ? DA  A 6  . ? 1_555 ? 
7  AC1 10 HOH C . ? HOH A 10 . ? 1_555 ? 
8  AC1 10 HOH C . ? HOH A 42 . ? 1_555 ? 
9  AC1 10 HOH C . ? HOH A 50 . ? 1_555 ? 
10 AC1 10 HOH C . ? HOH A 58 . ? 1_555 ? 
# 
loop_
_pdbx_validate_close_contact.id 
_pdbx_validate_close_contact.PDB_model_num 
_pdbx_validate_close_contact.auth_atom_id_1 
_pdbx_validate_close_contact.auth_asym_id_1 
_pdbx_validate_close_contact.auth_comp_id_1 
_pdbx_validate_close_contact.auth_seq_id_1 
_pdbx_validate_close_contact.PDB_ins_code_1 
_pdbx_validate_close_contact.label_alt_id_1 
_pdbx_validate_close_contact.auth_atom_id_2 
_pdbx_validate_close_contact.auth_asym_id_2 
_pdbx_validate_close_contact.auth_comp_id_2 
_pdbx_validate_close_contact.auth_seq_id_2 
_pdbx_validate_close_contact.PDB_ins_code_2 
_pdbx_validate_close_contact.label_alt_id_2 
_pdbx_validate_close_contact.dist 
1 1 "O5'" A DM1 7  ? ? O A HOH 50 ? ? 1.64 
2 1 O     A HOH 50 ? ? O A HOH 58 ? ? 1.65 
3 1 O     A HOH 27 ? ? O A HOH 39 ? ? 1.66 
4 1 O     A HOH 51 ? ? O A HOH 57 ? ? 1.92 
5 1 O     A HOH 27 ? ? O A HOH 48 ? ? 2.00 
6 1 O     A HOH 40 ? ? O A HOH 47 ? ? 2.13 
# 
loop_
_pdbx_validate_rmsd_bond.id 
_pdbx_validate_rmsd_bond.PDB_model_num 
_pdbx_validate_rmsd_bond.auth_atom_id_1 
_pdbx_validate_rmsd_bond.auth_asym_id_1 
_pdbx_validate_rmsd_bond.auth_comp_id_1 
_pdbx_validate_rmsd_bond.auth_seq_id_1 
_pdbx_validate_rmsd_bond.PDB_ins_code_1 
_pdbx_validate_rmsd_bond.label_alt_id_1 
_pdbx_validate_rmsd_bond.auth_atom_id_2 
_pdbx_validate_rmsd_bond.auth_asym_id_2 
_pdbx_validate_rmsd_bond.auth_comp_id_2 
_pdbx_validate_rmsd_bond.auth_seq_id_2 
_pdbx_validate_rmsd_bond.PDB_ins_code_2 
_pdbx_validate_rmsd_bond.label_alt_id_2 
_pdbx_validate_rmsd_bond.bond_value 
_pdbx_validate_rmsd_bond.bond_target_value 
_pdbx_validate_rmsd_bond.bond_deviation 
_pdbx_validate_rmsd_bond.bond_standard_deviation 
_pdbx_validate_rmsd_bond.linker_flag 
1  1 C4    A DT 1 ? ? C5    A DT 1 ? ? 1.388 1.445 -0.057 0.009 N 
2  1 C4    A DT 1 ? ? O4    A DT 1 ? ? 1.334 1.228 0.106  0.009 N 
3  1 "C3'" A DG 2 ? ? "C2'" A DG 2 ? ? 1.598 1.518 0.080  0.012 N 
4  1 "C2'" A DG 2 ? ? "C1'" A DG 2 ? ? 1.584 1.519 0.065  0.010 N 
5  1 "O3'" A DG 2 ? ? "C3'" A DG 2 ? ? 1.361 1.419 -0.058 0.006 N 
6  1 N1    A DG 2 ? ? C2    A DG 2 ? ? 1.276 1.373 -0.097 0.008 N 
7  1 N7    A DG 2 ? ? C8    A DG 2 ? ? 1.346 1.305 0.041  0.006 N 
8  1 C6    A DG 2 ? ? O6    A DG 2 ? ? 1.298 1.237 0.061  0.009 N 
9  1 "O4'" A DA 3 ? ? "C4'" A DA 3 ? ? 1.376 1.446 -0.070 0.010 N 
10 1 N1    A DA 3 ? ? C2    A DA 3 ? ? 1.259 1.339 -0.080 0.009 N 
11 1 N3    A DA 3 ? ? C4    A DA 3 ? ? 1.436 1.344 0.092  0.006 N 
12 1 C6    A DA 3 ? ? N1    A DA 3 ? ? 1.409 1.351 0.058  0.007 N 
13 1 C5    A DA 3 ? ? N7    A DA 3 ? ? 1.332 1.388 -0.056 0.006 N 
14 1 N7    A DA 3 ? ? C8    A DA 3 ? ? 1.255 1.311 -0.056 0.007 N 
15 1 C6    A DA 3 ? ? N6    A DA 3 ? ? 1.397 1.335 0.062  0.008 N 
16 1 "C2'" A DT 4 ? ? "C1'" A DT 4 ? ? 1.449 1.518 -0.069 0.010 N 
17 1 "O4'" A DT 4 ? ? "C4'" A DT 4 ? ? 1.337 1.446 -0.109 0.010 N 
18 1 C2    A DT 4 ? ? N3    A DT 4 ? ? 1.324 1.373 -0.049 0.008 N 
19 1 C4    A DC 5 ? ? N4    A DC 5 ? ? 1.393 1.335 0.058  0.009 N 
20 1 C2    A DC 5 ? ? N3    A DC 5 ? ? 1.415 1.353 0.062  0.008 N 
21 1 C4    A DC 5 ? ? C5    A DC 5 ? ? 1.336 1.425 -0.089 0.008 N 
22 1 "C5'" A DA 6 ? ? "C4'" A DA 6 ? ? 1.558 1.512 0.046  0.007 N 
23 1 N1    A DA 6 ? ? C2    A DA 6 ? ? 1.422 1.339 0.083  0.009 N 
24 1 C2    A DA 6 ? ? N3    A DA 6 ? ? 1.419 1.331 0.088  0.009 N 
25 1 N3    A DA 6 ? ? C4    A DA 6 ? ? 1.412 1.344 0.068  0.006 N 
26 1 C5    A DA 6 ? ? N7    A DA 6 ? ? 1.469 1.388 0.081  0.006 N 
# 
loop_
_pdbx_validate_rmsd_angle.id 
_pdbx_validate_rmsd_angle.PDB_model_num 
_pdbx_validate_rmsd_angle.auth_atom_id_1 
_pdbx_validate_rmsd_angle.auth_asym_id_1 
_pdbx_validate_rmsd_angle.auth_comp_id_1 
_pdbx_validate_rmsd_angle.auth_seq_id_1 
_pdbx_validate_rmsd_angle.PDB_ins_code_1 
_pdbx_validate_rmsd_angle.label_alt_id_1 
_pdbx_validate_rmsd_angle.auth_atom_id_2 
_pdbx_validate_rmsd_angle.auth_asym_id_2 
_pdbx_validate_rmsd_angle.auth_comp_id_2 
_pdbx_validate_rmsd_angle.auth_seq_id_2 
_pdbx_validate_rmsd_angle.PDB_ins_code_2 
_pdbx_validate_rmsd_angle.label_alt_id_2 
_pdbx_validate_rmsd_angle.auth_atom_id_3 
_pdbx_validate_rmsd_angle.auth_asym_id_3 
_pdbx_validate_rmsd_angle.auth_comp_id_3 
_pdbx_validate_rmsd_angle.auth_seq_id_3 
_pdbx_validate_rmsd_angle.PDB_ins_code_3 
_pdbx_validate_rmsd_angle.label_alt_id_3 
_pdbx_validate_rmsd_angle.angle_value 
_pdbx_validate_rmsd_angle.angle_target_value 
_pdbx_validate_rmsd_angle.angle_deviation 
_pdbx_validate_rmsd_angle.angle_standard_deviation 
_pdbx_validate_rmsd_angle.linker_flag 
1  1 "O5'" A DT 1 ? ? "C5'" A DT 1 ? ? "C4'" A DT 1 ? ? 98.79  109.40 -10.61 0.80 N 
2  1 "C5'" A DT 1 ? ? "C4'" A DT 1 ? ? "O4'" A DT 1 ? ? 121.29 109.80 11.49  1.10 N 
3  1 "C3'" A DT 1 ? ? "C2'" A DT 1 ? ? "C1'" A DT 1 ? ? 96.25  102.40 -6.15  0.80 N 
4  1 "O4'" A DT 1 ? ? "C1'" A DT 1 ? ? "C2'" A DT 1 ? ? 100.68 105.90 -5.22  0.80 N 
5  1 N1    A DT 1 ? ? "C1'" A DT 1 ? ? "C2'" A DT 1 ? ? 98.48  112.60 -14.12 1.90 N 
6  1 C6    A DT 1 ? ? N1    A DT 1 ? ? C2    A DT 1 ? ? 128.71 121.30 7.41   0.50 N 
7  1 C2    A DT 1 ? ? N3    A DT 1 ? ? C4    A DT 1 ? ? 123.24 127.20 -3.96  0.60 N 
8  1 N3    A DT 1 ? ? C4    A DT 1 ? ? C5    A DT 1 ? ? 122.78 115.20 7.58   0.60 N 
9  1 C5    A DT 1 ? ? C6    A DT 1 ? ? N1    A DT 1 ? ? 119.72 123.70 -3.98  0.60 N 
10 1 C5    A DT 1 ? ? C4    A DT 1 ? ? O4    A DT 1 ? ? 116.01 124.90 -8.89  0.70 N 
11 1 C4    A DT 1 ? ? C5    A DT 1 ? ? C7    A DT 1 ? ? 123.86 119.00 4.86   0.60 N 
12 1 "O3'" A DT 1 ? ? P     A DG 2 ? ? "O5'" A DG 2 ? ? 116.83 104.00 12.83  1.90 Y 
13 1 "O3'" A DT 1 ? ? P     A DG 2 ? ? OP1   A DG 2 ? ? 84.22  105.20 -20.98 2.20 Y 
14 1 "O5'" A DG 2 ? ? P     A DG 2 ? ? OP2   A DG 2 ? ? 123.72 110.70 13.02  1.20 N 
15 1 "C4'" A DG 2 ? ? "C3'" A DG 2 ? ? "C2'" A DG 2 ? ? 97.17  102.20 -5.03  0.70 N 
16 1 "O4'" A DG 2 ? ? "C1'" A DG 2 ? ? "C2'" A DG 2 ? ? 95.60  105.90 -10.30 0.80 N 
17 1 "O4'" A DG 2 ? ? "C1'" A DG 2 ? ? N9    A DG 2 ? ? 125.31 108.30 17.01  0.30 N 
18 1 C6    A DG 2 ? ? N1    A DG 2 ? ? C2    A DG 2 ? ? 129.56 125.10 4.46   0.60 N 
19 1 N3    A DG 2 ? ? C4    A DG 2 ? ? C5    A DG 2 ? ? 124.65 128.60 -3.95  0.50 N 
20 1 C4    A DG 2 ? ? C5    A DG 2 ? ? C6    A DG 2 ? ? 124.22 118.80 5.42   0.60 N 
21 1 C5    A DG 2 ? ? C6    A DG 2 ? ? N1    A DG 2 ? ? 106.58 111.50 -4.92  0.50 N 
22 1 C8    A DG 2 ? ? N9    A DG 2 ? ? C4    A DG 2 ? ? 102.52 106.40 -3.88  0.40 N 
23 1 N9    A DG 2 ? ? C4    A DG 2 ? ? C5    A DG 2 ? ? 110.13 105.40 4.73   0.40 N 
24 1 C6    A DG 2 ? ? C5    A DG 2 ? ? N7    A DG 2 ? ? 125.74 130.40 -4.66  0.60 N 
25 1 N1    A DG 2 ? ? C6    A DG 2 ? ? O6    A DG 2 ? ? 124.42 119.90 4.52   0.60 N 
26 1 "C3'" A DG 2 ? ? "O3'" A DG 2 ? ? P     A DA 3 ? ? 132.18 119.70 12.48  1.20 Y 
27 1 "O5'" A DA 3 ? ? "C5'" A DA 3 ? ? "C4'" A DA 3 ? ? 100.65 109.40 -8.75  0.80 N 
28 1 "C1'" A DA 3 ? ? "O4'" A DA 3 ? ? "C4'" A DA 3 ? ? 116.97 110.30 6.67   0.70 N 
29 1 "O4'" A DA 3 ? ? "C1'" A DA 3 ? ? "C2'" A DA 3 ? ? 97.90  105.90 -8.00  0.80 N 
30 1 "O4'" A DA 3 ? ? "C1'" A DA 3 ? ? N9    A DA 3 ? ? 117.65 108.30 9.35   0.30 N 
31 1 C2    A DA 3 ? ? N3    A DA 3 ? ? C4    A DA 3 ? ? 105.57 110.60 -5.03  0.50 N 
32 1 C5    A DA 3 ? ? N7    A DA 3 ? ? C8    A DA 3 ? ? 107.02 103.90 3.12   0.50 N 
33 1 C8    A DA 3 ? ? N9    A DA 3 ? ? C4    A DA 3 ? ? 102.36 105.80 -3.44  0.40 N 
34 1 N1    A DA 3 ? ? C6    A DA 3 ? ? N6    A DA 3 ? ? 125.52 118.60 6.92   0.60 N 
35 1 C5    A DA 3 ? ? C6    A DA 3 ? ? N6    A DA 3 ? ? 118.77 123.70 -4.93  0.80 N 
36 1 "C3'" A DA 3 ? ? "O3'" A DA 3 ? ? P     A DT 4 ? ? 144.26 119.70 24.56  1.20 Y 
37 1 "O3'" A DA 3 ? ? P     A DT 4 ? ? "O5'" A DT 4 ? ? 123.12 104.00 19.12  1.90 Y 
38 1 "O5'" A DT 4 ? ? P     A DT 4 ? ? OP1   A DT 4 ? ? 94.01  105.70 -11.69 0.90 N 
39 1 "O5'" A DT 4 ? ? P     A DT 4 ? ? OP2   A DT 4 ? ? 120.25 110.70 9.55   1.20 N 
40 1 "O5'" A DT 4 ? ? "C5'" A DT 4 ? ? "C4'" A DT 4 ? ? 95.63  109.40 -13.77 0.80 N 
41 1 P     A DT 4 ? ? "O5'" A DT 4 ? ? "C5'" A DT 4 ? ? 109.12 120.90 -11.78 1.60 N 
42 1 "O4'" A DT 4 ? ? "C4'" A DT 4 ? ? "C3'" A DT 4 ? ? 101.22 104.50 -3.28  0.40 N 
43 1 "C5'" A DT 4 ? ? "C4'" A DT 4 ? ? "C3'" A DT 4 ? ? 123.25 115.70 7.55   1.20 N 
44 1 "C4'" A DT 4 ? ? "C3'" A DT 4 ? ? "C2'" A DT 4 ? ? 114.87 103.10 11.77  0.90 N 
45 1 "C3'" A DT 4 ? ? "C2'" A DT 4 ? ? "C1'" A DT 4 ? ? 94.05  102.40 -8.35  0.80 N 
46 1 "O4'" A DT 4 ? ? "C1'" A DT 4 ? ? "C2'" A DT 4 ? ? 111.56 106.80 4.76   0.50 N 
47 1 C2    A DT 4 ? ? N3    A DT 4 ? ? C4    A DT 4 ? ? 122.86 127.20 -4.34  0.60 N 
48 1 C4    A DT 4 ? ? C5    A DT 4 ? ? C7    A DT 4 ? ? 114.94 119.00 -4.06  0.60 N 
49 1 OP1   A DC 5 ? ? P     A DC 5 ? ? OP2   A DC 5 ? ? 102.46 119.60 -17.14 1.50 N 
50 1 "O5'" A DC 5 ? ? P     A DC 5 ? ? OP1   A DC 5 ? ? 118.00 110.70 7.30   1.20 N 
51 1 "O5'" A DC 5 ? ? P     A DC 5 ? ? OP2   A DC 5 ? ? 118.71 110.70 8.01   1.20 N 
52 1 "O4'" A DC 5 ? ? "C4'" A DC 5 ? ? "C3'" A DC 5 ? ? 111.42 106.00 5.42   0.60 N 
53 1 "C5'" A DC 5 ? ? "C4'" A DC 5 ? ? "C3'" A DC 5 ? ? 123.95 115.70 8.25   1.20 N 
54 1 "O4'" A DC 5 ? ? "C1'" A DC 5 ? ? N1    A DC 5 ? ? 121.80 108.30 13.50  0.30 N 
55 1 C6    A DC 5 ? ? N1    A DC 5 ? ? C2    A DC 5 ? ? 113.85 120.30 -6.45  0.40 N 
56 1 N3    A DC 5 ? ? C4    A DC 5 ? ? C5    A DC 5 ? ? 117.98 121.90 -3.92  0.40 N 
57 1 C4    A DC 5 ? ? C5    A DC 5 ? ? C6    A DC 5 ? ? 121.00 117.40 3.60   0.50 N 
58 1 C5    A DC 5 ? ? C6    A DC 5 ? ? N1    A DC 5 ? ? 125.17 121.00 4.17   0.50 N 
59 1 N1    A DC 5 ? ? C2    A DC 5 ? ? O2    A DC 5 ? ? 114.06 118.90 -4.84  0.60 N 
60 1 N3    A DC 5 ? ? C4    A DC 5 ? ? N4    A DC 5 ? ? 122.60 118.00 4.60   0.70 N 
61 1 C6    A DC 5 ? ? N1    A DC 5 ? ? "C1'" A DC 5 ? ? 128.91 120.80 8.11   1.20 N 
62 1 "C3'" A DC 5 ? ? "O3'" A DC 5 ? ? P     A DA 6 ? ? 134.70 119.70 15.00  1.20 Y 
63 1 "O3'" A DC 5 ? ? P     A DA 6 ? ? "O5'" A DA 6 ? ? 123.20 104.00 19.20  1.90 Y 
64 1 OP1   A DA 6 ? ? P     A DA 6 ? ? OP2   A DA 6 ? ? 108.82 119.60 -10.78 1.50 N 
65 1 "O5'" A DA 6 ? ? "C5'" A DA 6 ? ? "C4'" A DA 6 ? ? 102.70 109.40 -6.70  0.80 N 
66 1 "O4'" A DA 6 ? ? "C4'" A DA 6 ? ? "C3'" A DA 6 ? ? 99.41  104.50 -5.09  0.40 N 
67 1 "C5'" A DA 6 ? ? "C4'" A DA 6 ? ? "O4'" A DA 6 ? ? 127.05 109.80 17.25  1.10 N 
68 1 "C3'" A DA 6 ? ? "C2'" A DA 6 ? ? "C1'" A DA 6 ? ? 92.87  102.40 -9.53  0.80 N 
69 1 C2    A DA 6 ? ? N3    A DA 6 ? ? C4    A DA 6 ? ? 106.10 110.60 -4.50  0.50 N 
70 1 C5    A DA 6 ? ? N7    A DA 6 ? ? C8    A DA 6 ? ? 96.24  103.90 -7.66  0.50 N 
71 1 N7    A DA 6 ? ? C8    A DA 6 ? ? N9    A DA 6 ? ? 121.07 113.80 7.27   0.50 N 
72 1 C8    A DA 6 ? ? N9    A DA 6 ? ? C4    A DA 6 ? ? 103.00 105.80 -2.80  0.40 N 
73 1 N3    A DA 6 ? ? C4    A DA 6 ? ? N9    A DA 6 ? ? 122.16 127.40 -5.24  0.80 N 
# 
_pdbx_validate_chiral.id              1 
_pdbx_validate_chiral.PDB_model_num   1 
_pdbx_validate_chiral.auth_atom_id    "C5'" 
_pdbx_validate_chiral.label_alt_id    ? 
_pdbx_validate_chiral.auth_asym_id    A 
_pdbx_validate_chiral.auth_comp_id    DM1 
_pdbx_validate_chiral.auth_seq_id     7 
_pdbx_validate_chiral.PDB_ins_code    ? 
_pdbx_validate_chiral.details         'WRONG HAND' 
_pdbx_validate_chiral.omega           . 
# 
_pdbx_validate_planes.id              1 
_pdbx_validate_planes.PDB_model_num   1 
_pdbx_validate_planes.auth_comp_id    DC 
_pdbx_validate_planes.auth_asym_id    A 
_pdbx_validate_planes.auth_seq_id     5 
_pdbx_validate_planes.PDB_ins_code    ? 
_pdbx_validate_planes.label_alt_id    ? 
_pdbx_validate_planes.rmsd            0.057 
_pdbx_validate_planes.type            'SIDE CHAIN' 
# 
_struct_site_keywords.site_id   1 
_struct_site_keywords.text      INTERCALATION 
# 
loop_
_chem_comp_atom.comp_id 
_chem_comp_atom.atom_id 
_chem_comp_atom.type_symbol 
_chem_comp_atom.pdbx_aromatic_flag 
_chem_comp_atom.pdbx_stereo_config 
_chem_comp_atom.pdbx_ordinal 
DA  OP3    O N N 1   
DA  P      P N N 2   
DA  OP1    O N N 3   
DA  OP2    O N N 4   
DA  "O5'"  O N N 5   
DA  "C5'"  C N N 6   
DA  "C4'"  C N R 7   
DA  "O4'"  O N N 8   
DA  "C3'"  C N S 9   
DA  "O3'"  O N N 10  
DA  "C2'"  C N N 11  
DA  "C1'"  C N R 12  
DA  N9     N Y N 13  
DA  C8     C Y N 14  
DA  N7     N Y N 15  
DA  C5     C Y N 16  
DA  C6     C Y N 17  
DA  N6     N N N 18  
DA  N1     N Y N 19  
DA  C2     C Y N 20  
DA  N3     N Y N 21  
DA  C4     C Y N 22  
DA  HOP3   H N N 23  
DA  HOP2   H N N 24  
DA  "H5'"  H N N 25  
DA  "H5''" H N N 26  
DA  "H4'"  H N N 27  
DA  "H3'"  H N N 28  
DA  "HO3'" H N N 29  
DA  "H2'"  H N N 30  
DA  "H2''" H N N 31  
DA  "H1'"  H N N 32  
DA  H8     H N N 33  
DA  H61    H N N 34  
DA  H62    H N N 35  
DA  H2     H N N 36  
DC  OP3    O N N 37  
DC  P      P N N 38  
DC  OP1    O N N 39  
DC  OP2    O N N 40  
DC  "O5'"  O N N 41  
DC  "C5'"  C N N 42  
DC  "C4'"  C N R 43  
DC  "O4'"  O N N 44  
DC  "C3'"  C N S 45  
DC  "O3'"  O N N 46  
DC  "C2'"  C N N 47  
DC  "C1'"  C N R 48  
DC  N1     N N N 49  
DC  C2     C N N 50  
DC  O2     O N N 51  
DC  N3     N N N 52  
DC  C4     C N N 53  
DC  N4     N N N 54  
DC  C5     C N N 55  
DC  C6     C N N 56  
DC  HOP3   H N N 57  
DC  HOP2   H N N 58  
DC  "H5'"  H N N 59  
DC  "H5''" H N N 60  
DC  "H4'"  H N N 61  
DC  "H3'"  H N N 62  
DC  "HO3'" H N N 63  
DC  "H2'"  H N N 64  
DC  "H2''" H N N 65  
DC  "H1'"  H N N 66  
DC  H41    H N N 67  
DC  H42    H N N 68  
DC  H5     H N N 69  
DC  H6     H N N 70  
DG  OP3    O N N 71  
DG  P      P N N 72  
DG  OP1    O N N 73  
DG  OP2    O N N 74  
DG  "O5'"  O N N 75  
DG  "C5'"  C N N 76  
DG  "C4'"  C N R 77  
DG  "O4'"  O N N 78  
DG  "C3'"  C N S 79  
DG  "O3'"  O N N 80  
DG  "C2'"  C N N 81  
DG  "C1'"  C N R 82  
DG  N9     N Y N 83  
DG  C8     C Y N 84  
DG  N7     N Y N 85  
DG  C5     C Y N 86  
DG  C6     C N N 87  
DG  O6     O N N 88  
DG  N1     N N N 89  
DG  C2     C N N 90  
DG  N2     N N N 91  
DG  N3     N N N 92  
DG  C4     C Y N 93  
DG  HOP3   H N N 94  
DG  HOP2   H N N 95  
DG  "H5'"  H N N 96  
DG  "H5''" H N N 97  
DG  "H4'"  H N N 98  
DG  "H3'"  H N N 99  
DG  "HO3'" H N N 100 
DG  "H2'"  H N N 101 
DG  "H2''" H N N 102 
DG  "H1'"  H N N 103 
DG  H8     H N N 104 
DG  H1     H N N 105 
DG  H21    H N N 106 
DG  H22    H N N 107 
DM1 C1     C Y N 108 
DM1 C2     C Y N 109 
DM1 C3     C Y N 110 
DM1 C4     C Y N 111 
DM1 O4     O N N 112 
DM1 C5     C Y N 113 
DM1 C6     C N N 114 
DM1 O6     O N N 115 
DM1 C7     C Y N 116 
DM1 C8     C Y N 117 
DM1 O8     O N N 118 
DM1 C9     C Y N 119 
DM1 C10    C N S 120 
DM1 O10    O N N 121 
DM1 C11    C N N 122 
DM1 C12    C N S 123 
DM1 O12    O N N 124 
DM1 C13    C N N 125 
DM1 O13    O N N 126 
DM1 C14    C N N 127 
DM1 C15    C N N 128 
DM1 C16    C Y N 129 
DM1 C17    C Y N 130 
DM1 O17    O N N 131 
DM1 C18    C Y N 132 
DM1 C19    C N N 133 
DM1 O19    O N N 134 
DM1 C20    C Y N 135 
DM1 C21    C N N 136 
DM1 "C1'"  C N R 137 
DM1 "C2'"  C N N 138 
DM1 "C3'"  C N S 139 
DM1 "N3'"  N N N 140 
DM1 "C4'"  C N S 141 
DM1 "O4'"  O N N 142 
DM1 "C5'"  C N S 143 
DM1 "O5'"  O N N 144 
DM1 "C6'"  C N N 145 
DM1 H1     H N N 146 
DM1 H2     H N N 147 
DM1 H3     H N N 148 
DM1 HO8    H N N 149 
DM1 H10    H N N 150 
DM1 H111   H N N 151 
DM1 H112   H N N 152 
DM1 HO12   H N N 153 
DM1 H141   H N N 154 
DM1 H142   H N N 155 
DM1 H143   H N N 156 
DM1 H151   H N N 157 
DM1 H152   H N N 158 
DM1 HO17   H N N 159 
DM1 H211   H N N 160 
DM1 H212   H N N 161 
DM1 H213   H N N 162 
DM1 "H1'"  H N N 163 
DM1 "H2'1" H N N 164 
DM1 "H2'2" H N N 165 
DM1 "H3'"  H N N 166 
DM1 "HN'1" H N N 167 
DM1 "HN'2" H N N 168 
DM1 "H4'"  H N N 169 
DM1 "HO4'" H N N 170 
DM1 "H5'"  H N N 171 
DM1 "H6'1" H N N 172 
DM1 "H6'2" H N N 173 
DM1 "H6'3" H N N 174 
DT  OP3    O N N 175 
DT  P      P N N 176 
DT  OP1    O N N 177 
DT  OP2    O N N 178 
DT  "O5'"  O N N 179 
DT  "C5'"  C N N 180 
DT  "C4'"  C N R 181 
DT  "O4'"  O N N 182 
DT  "C3'"  C N S 183 
DT  "O3'"  O N N 184 
DT  "C2'"  C N N 185 
DT  "C1'"  C N R 186 
DT  N1     N N N 187 
DT  C2     C N N 188 
DT  O2     O N N 189 
DT  N3     N N N 190 
DT  C4     C N N 191 
DT  O4     O N N 192 
DT  C5     C N N 193 
DT  C7     C N N 194 
DT  C6     C N N 195 
DT  HOP3   H N N 196 
DT  HOP2   H N N 197 
DT  "H5'"  H N N 198 
DT  "H5''" H N N 199 
DT  "H4'"  H N N 200 
DT  "H3'"  H N N 201 
DT  "HO3'" H N N 202 
DT  "H2'"  H N N 203 
DT  "H2''" H N N 204 
DT  "H1'"  H N N 205 
DT  H3     H N N 206 
DT  H71    H N N 207 
DT  H72    H N N 208 
DT  H73    H N N 209 
DT  H6     H N N 210 
HOH O      O N N 211 
HOH H1     H N N 212 
HOH H2     H N N 213 
# 
loop_
_chem_comp_bond.comp_id 
_chem_comp_bond.atom_id_1 
_chem_comp_bond.atom_id_2 
_chem_comp_bond.value_order 
_chem_comp_bond.pdbx_aromatic_flag 
_chem_comp_bond.pdbx_stereo_config 
_chem_comp_bond.pdbx_ordinal 
DA  OP3   P      sing N N 1   
DA  OP3   HOP3   sing N N 2   
DA  P     OP1    doub N N 3   
DA  P     OP2    sing N N 4   
DA  P     "O5'"  sing N N 5   
DA  OP2   HOP2   sing N N 6   
DA  "O5'" "C5'"  sing N N 7   
DA  "C5'" "C4'"  sing N N 8   
DA  "C5'" "H5'"  sing N N 9   
DA  "C5'" "H5''" sing N N 10  
DA  "C4'" "O4'"  sing N N 11  
DA  "C4'" "C3'"  sing N N 12  
DA  "C4'" "H4'"  sing N N 13  
DA  "O4'" "C1'"  sing N N 14  
DA  "C3'" "O3'"  sing N N 15  
DA  "C3'" "C2'"  sing N N 16  
DA  "C3'" "H3'"  sing N N 17  
DA  "O3'" "HO3'" sing N N 18  
DA  "C2'" "C1'"  sing N N 19  
DA  "C2'" "H2'"  sing N N 20  
DA  "C2'" "H2''" sing N N 21  
DA  "C1'" N9     sing N N 22  
DA  "C1'" "H1'"  sing N N 23  
DA  N9    C8     sing Y N 24  
DA  N9    C4     sing Y N 25  
DA  C8    N7     doub Y N 26  
DA  C8    H8     sing N N 27  
DA  N7    C5     sing Y N 28  
DA  C5    C6     sing Y N 29  
DA  C5    C4     doub Y N 30  
DA  C6    N6     sing N N 31  
DA  C6    N1     doub Y N 32  
DA  N6    H61    sing N N 33  
DA  N6    H62    sing N N 34  
DA  N1    C2     sing Y N 35  
DA  C2    N3     doub Y N 36  
DA  C2    H2     sing N N 37  
DA  N3    C4     sing Y N 38  
DC  OP3   P      sing N N 39  
DC  OP3   HOP3   sing N N 40  
DC  P     OP1    doub N N 41  
DC  P     OP2    sing N N 42  
DC  P     "O5'"  sing N N 43  
DC  OP2   HOP2   sing N N 44  
DC  "O5'" "C5'"  sing N N 45  
DC  "C5'" "C4'"  sing N N 46  
DC  "C5'" "H5'"  sing N N 47  
DC  "C5'" "H5''" sing N N 48  
DC  "C4'" "O4'"  sing N N 49  
DC  "C4'" "C3'"  sing N N 50  
DC  "C4'" "H4'"  sing N N 51  
DC  "O4'" "C1'"  sing N N 52  
DC  "C3'" "O3'"  sing N N 53  
DC  "C3'" "C2'"  sing N N 54  
DC  "C3'" "H3'"  sing N N 55  
DC  "O3'" "HO3'" sing N N 56  
DC  "C2'" "C1'"  sing N N 57  
DC  "C2'" "H2'"  sing N N 58  
DC  "C2'" "H2''" sing N N 59  
DC  "C1'" N1     sing N N 60  
DC  "C1'" "H1'"  sing N N 61  
DC  N1    C2     sing N N 62  
DC  N1    C6     sing N N 63  
DC  C2    O2     doub N N 64  
DC  C2    N3     sing N N 65  
DC  N3    C4     doub N N 66  
DC  C4    N4     sing N N 67  
DC  C4    C5     sing N N 68  
DC  N4    H41    sing N N 69  
DC  N4    H42    sing N N 70  
DC  C5    C6     doub N N 71  
DC  C5    H5     sing N N 72  
DC  C6    H6     sing N N 73  
DG  OP3   P      sing N N 74  
DG  OP3   HOP3   sing N N 75  
DG  P     OP1    doub N N 76  
DG  P     OP2    sing N N 77  
DG  P     "O5'"  sing N N 78  
DG  OP2   HOP2   sing N N 79  
DG  "O5'" "C5'"  sing N N 80  
DG  "C5'" "C4'"  sing N N 81  
DG  "C5'" "H5'"  sing N N 82  
DG  "C5'" "H5''" sing N N 83  
DG  "C4'" "O4'"  sing N N 84  
DG  "C4'" "C3'"  sing N N 85  
DG  "C4'" "H4'"  sing N N 86  
DG  "O4'" "C1'"  sing N N 87  
DG  "C3'" "O3'"  sing N N 88  
DG  "C3'" "C2'"  sing N N 89  
DG  "C3'" "H3'"  sing N N 90  
DG  "O3'" "HO3'" sing N N 91  
DG  "C2'" "C1'"  sing N N 92  
DG  "C2'" "H2'"  sing N N 93  
DG  "C2'" "H2''" sing N N 94  
DG  "C1'" N9     sing N N 95  
DG  "C1'" "H1'"  sing N N 96  
DG  N9    C8     sing Y N 97  
DG  N9    C4     sing Y N 98  
DG  C8    N7     doub Y N 99  
DG  C8    H8     sing N N 100 
DG  N7    C5     sing Y N 101 
DG  C5    C6     sing N N 102 
DG  C5    C4     doub Y N 103 
DG  C6    O6     doub N N 104 
DG  C6    N1     sing N N 105 
DG  N1    C2     sing N N 106 
DG  N1    H1     sing N N 107 
DG  C2    N2     sing N N 108 
DG  C2    N3     doub N N 109 
DG  N2    H21    sing N N 110 
DG  N2    H22    sing N N 111 
DG  N3    C4     sing N N 112 
DM1 C1    C2     doub Y N 113 
DM1 C1    C20    sing Y N 114 
DM1 C1    H1     sing N N 115 
DM1 C2    C3     sing Y N 116 
DM1 C2    H2     sing N N 117 
DM1 C3    C4     doub Y N 118 
DM1 C3    H3     sing N N 119 
DM1 C4    O4     sing N N 120 
DM1 C4    C5     sing Y N 121 
DM1 O4    C21    sing N N 122 
DM1 C5    C6     sing N N 123 
DM1 C5    C20    doub Y N 124 
DM1 C6    O6     doub N N 125 
DM1 C6    C7     sing N N 126 
DM1 C7    C8     doub Y N 127 
DM1 C7    C18    sing Y N 128 
DM1 C8    O8     sing N N 129 
DM1 C8    C9     sing Y N 130 
DM1 O8    HO8    sing N N 131 
DM1 C9    C10    sing N N 132 
DM1 C9    C16    doub Y N 133 
DM1 C10   O10    sing N N 134 
DM1 C10   C11    sing N N 135 
DM1 C10   H10    sing N N 136 
DM1 O10   "C1'"  sing N N 137 
DM1 C11   C12    sing N N 138 
DM1 C11   H111   sing N N 139 
DM1 C11   H112   sing N N 140 
DM1 C12   O12    sing N N 141 
DM1 C12   C13    sing N N 142 
DM1 C12   C15    sing N N 143 
DM1 O12   HO12   sing N N 144 
DM1 C13   O13    doub N N 145 
DM1 C13   C14    sing N N 146 
DM1 C14   H141   sing N N 147 
DM1 C14   H142   sing N N 148 
DM1 C14   H143   sing N N 149 
DM1 C15   C16    sing N N 150 
DM1 C15   H151   sing N N 151 
DM1 C15   H152   sing N N 152 
DM1 C16   C17    sing Y N 153 
DM1 C17   O17    sing N N 154 
DM1 C17   C18    doub Y N 155 
DM1 O17   HO17   sing N N 156 
DM1 C18   C19    sing N N 157 
DM1 C19   O19    doub N N 158 
DM1 C19   C20    sing N N 159 
DM1 C21   H211   sing N N 160 
DM1 C21   H212   sing N N 161 
DM1 C21   H213   sing N N 162 
DM1 "C1'" "C2'"  sing N N 163 
DM1 "C1'" "O5'"  sing N N 164 
DM1 "C1'" "H1'"  sing N N 165 
DM1 "C2'" "C3'"  sing N N 166 
DM1 "C2'" "H2'1" sing N N 167 
DM1 "C2'" "H2'2" sing N N 168 
DM1 "C3'" "N3'"  sing N N 169 
DM1 "C3'" "C4'"  sing N N 170 
DM1 "C3'" "H3'"  sing N N 171 
DM1 "N3'" "HN'1" sing N N 172 
DM1 "N3'" "HN'2" sing N N 173 
DM1 "C4'" "O4'"  sing N N 174 
DM1 "C4'" "C5'"  sing N N 175 
DM1 "C4'" "H4'"  sing N N 176 
DM1 "O4'" "HO4'" sing N N 177 
DM1 "C5'" "O5'"  sing N N 178 
DM1 "C5'" "C6'"  sing N N 179 
DM1 "C5'" "H5'"  sing N N 180 
DM1 "C6'" "H6'1" sing N N 181 
DM1 "C6'" "H6'2" sing N N 182 
DM1 "C6'" "H6'3" sing N N 183 
DT  OP3   P      sing N N 184 
DT  OP3   HOP3   sing N N 185 
DT  P     OP1    doub N N 186 
DT  P     OP2    sing N N 187 
DT  P     "O5'"  sing N N 188 
DT  OP2   HOP2   sing N N 189 
DT  "O5'" "C5'"  sing N N 190 
DT  "C5'" "C4'"  sing N N 191 
DT  "C5'" "H5'"  sing N N 192 
DT  "C5'" "H5''" sing N N 193 
DT  "C4'" "O4'"  sing N N 194 
DT  "C4'" "C3'"  sing N N 195 
DT  "C4'" "H4'"  sing N N 196 
DT  "O4'" "C1'"  sing N N 197 
DT  "C3'" "O3'"  sing N N 198 
DT  "C3'" "C2'"  sing N N 199 
DT  "C3'" "H3'"  sing N N 200 
DT  "O3'" "HO3'" sing N N 201 
DT  "C2'" "C1'"  sing N N 202 
DT  "C2'" "H2'"  sing N N 203 
DT  "C2'" "H2''" sing N N 204 
DT  "C1'" N1     sing N N 205 
DT  "C1'" "H1'"  sing N N 206 
DT  N1    C2     sing N N 207 
DT  N1    C6     sing N N 208 
DT  C2    O2     doub N N 209 
DT  C2    N3     sing N N 210 
DT  N3    C4     sing N N 211 
DT  N3    H3     sing N N 212 
DT  C4    O4     doub N N 213 
DT  C4    C5     sing N N 214 
DT  C5    C7     sing N N 215 
DT  C5    C6     doub N N 216 
DT  C7    H71    sing N N 217 
DT  C7    H72    sing N N 218 
DT  C7    H73    sing N N 219 
DT  C6    H6     sing N N 220 
HOH O     H1     sing N N 221 
HOH O     H2     sing N N 222 
# 
_ndb_struct_conf_na.entry_id   1VTI 
_ndb_struct_conf_na.feature    'b-form double helix' 
# 
loop_
_ndb_struct_na_base_pair.model_number 
_ndb_struct_na_base_pair.i_label_asym_id 
_ndb_struct_na_base_pair.i_label_comp_id 
_ndb_struct_na_base_pair.i_label_seq_id 
_ndb_struct_na_base_pair.i_symmetry 
_ndb_struct_na_base_pair.j_label_asym_id 
_ndb_struct_na_base_pair.j_label_comp_id 
_ndb_struct_na_base_pair.j_label_seq_id 
_ndb_struct_na_base_pair.j_symmetry 
_ndb_struct_na_base_pair.shear 
_ndb_struct_na_base_pair.stretch 
_ndb_struct_na_base_pair.stagger 
_ndb_struct_na_base_pair.buckle 
_ndb_struct_na_base_pair.propeller 
_ndb_struct_na_base_pair.opening 
_ndb_struct_na_base_pair.pair_number 
_ndb_struct_na_base_pair.pair_name 
_ndb_struct_na_base_pair.i_auth_asym_id 
_ndb_struct_na_base_pair.i_auth_seq_id 
_ndb_struct_na_base_pair.i_PDB_ins_code 
_ndb_struct_na_base_pair.j_auth_asym_id 
_ndb_struct_na_base_pair.j_auth_seq_id 
_ndb_struct_na_base_pair.j_PDB_ins_code 
_ndb_struct_na_base_pair.hbond_type_28 
_ndb_struct_na_base_pair.hbond_type_12 
1 A DT 1 1_555 A DA 6 8_665 0.280  -0.392 -0.135 11.577  -2.280 1.161  1 A_DT1:DA6_A A 1 ? A 6 ? 20 1 
1 A DG 2 1_555 A DC 5 8_665 -0.190 -0.419 -0.492 -19.800 -1.954 -3.287 2 A_DG2:DC5_A A 2 ? A 5 ? 19 1 
1 A DA 3 1_555 A DT 4 8_665 0.461  -0.211 0.050  -9.382  -3.008 0.881  3 A_DA3:DT4_A A 3 ? A 4 ? 20 1 
1 A DT 4 1_555 A DA 3 8_665 -0.461 -0.211 0.050  9.382   -3.008 0.881  4 A_DT4:DA3_A A 4 ? A 3 ? 20 1 
1 A DC 5 1_555 A DG 2 8_665 0.190  -0.419 -0.492 19.800  -1.954 -3.287 5 A_DC5:DG2_A A 5 ? A 2 ? 19 1 
1 A DA 6 1_555 A DT 1 8_665 -0.280 -0.392 -0.135 -11.577 -2.280 1.161  6 A_DA6:DT1_A A 6 ? A 1 ? 20 1 
# 
loop_
_ndb_struct_na_base_pair_step.model_number 
_ndb_struct_na_base_pair_step.i_label_asym_id_1 
_ndb_struct_na_base_pair_step.i_label_comp_id_1 
_ndb_struct_na_base_pair_step.i_label_seq_id_1 
_ndb_struct_na_base_pair_step.i_symmetry_1 
_ndb_struct_na_base_pair_step.j_label_asym_id_1 
_ndb_struct_na_base_pair_step.j_label_comp_id_1 
_ndb_struct_na_base_pair_step.j_label_seq_id_1 
_ndb_struct_na_base_pair_step.j_symmetry_1 
_ndb_struct_na_base_pair_step.i_label_asym_id_2 
_ndb_struct_na_base_pair_step.i_label_comp_id_2 
_ndb_struct_na_base_pair_step.i_label_seq_id_2 
_ndb_struct_na_base_pair_step.i_symmetry_2 
_ndb_struct_na_base_pair_step.j_label_asym_id_2 
_ndb_struct_na_base_pair_step.j_label_comp_id_2 
_ndb_struct_na_base_pair_step.j_label_seq_id_2 
_ndb_struct_na_base_pair_step.j_symmetry_2 
_ndb_struct_na_base_pair_step.shift 
_ndb_struct_na_base_pair_step.slide 
_ndb_struct_na_base_pair_step.rise 
_ndb_struct_na_base_pair_step.tilt 
_ndb_struct_na_base_pair_step.roll 
_ndb_struct_na_base_pair_step.twist 
_ndb_struct_na_base_pair_step.x_displacement 
_ndb_struct_na_base_pair_step.y_displacement 
_ndb_struct_na_base_pair_step.helical_rise 
_ndb_struct_na_base_pair_step.inclination 
_ndb_struct_na_base_pair_step.tip 
_ndb_struct_na_base_pair_step.helical_twist 
_ndb_struct_na_base_pair_step.step_number 
_ndb_struct_na_base_pair_step.step_name 
_ndb_struct_na_base_pair_step.i_auth_asym_id_1 
_ndb_struct_na_base_pair_step.i_auth_seq_id_1 
_ndb_struct_na_base_pair_step.i_PDB_ins_code_1 
_ndb_struct_na_base_pair_step.j_auth_asym_id_1 
_ndb_struct_na_base_pair_step.j_auth_seq_id_1 
_ndb_struct_na_base_pair_step.j_PDB_ins_code_1 
_ndb_struct_na_base_pair_step.i_auth_asym_id_2 
_ndb_struct_na_base_pair_step.i_auth_seq_id_2 
_ndb_struct_na_base_pair_step.i_PDB_ins_code_2 
_ndb_struct_na_base_pair_step.j_auth_asym_id_2 
_ndb_struct_na_base_pair_step.j_auth_seq_id_2 
_ndb_struct_na_base_pair_step.j_PDB_ins_code_2 
1 A DT 1 1_555 A DA 6 8_665 A DG 2 1_555 A DC 5 8_665 1.172  1.353 7.264 1.185  -1.481 36.456 2.614  -1.508 7.239 -2.365 -1.892  
36.504 1 AA_DT1DG2:DC5DA6_AA A 1 ? A 6 ? A 2 ? A 5 ? 
1 A DG 2 1_555 A DC 5 8_665 A DA 3 1_555 A DT 4 8_665 -1.093 0.081 3.088 -6.227 -0.627 31.583 0.255  0.886  3.236 -1.138 11.302  
32.182 2 AA_DG2DA3:DT4DC5_AA A 2 ? A 5 ? A 3 ? A 4 ? 
1 A DA 3 1_555 A DT 4 8_665 A DT 4 1_555 A DA 3 8_665 0.000  0.185 3.051 0.000  3.564  27.292 -0.430 0.000  3.049 7.513  0.000   
27.519 3 AA_DA3DT4:DA3DT4_AA A 3 ? A 4 ? A 4 ? A 3 ? 
1 A DT 4 1_555 A DA 3 8_665 A DC 5 1_555 A DG 2 8_665 1.093  0.081 3.088 6.227  -0.627 31.583 0.255  -0.886 3.236 -1.138 -11.302 
32.182 4 AA_DT4DC5:DG2DA3_AA A 4 ? A 3 ? A 5 ? A 2 ? 
1 A DC 5 1_555 A DG 2 8_665 A DA 6 1_555 A DT 1 8_665 -1.172 1.353 7.264 -1.185 -1.481 36.456 2.614  1.508  7.239 -2.365 1.892   
36.504 5 AA_DC5DA6:DT1DG2_AA A 5 ? A 2 ? A 6 ? A 1 ? 
# 
_atom_sites.entry_id                    1VTI 
_atom_sites.fract_transf_matrix[1][1]   0.02460782 
_atom_sites.fract_transf_matrix[1][2]   0.02140754 
_atom_sites.fract_transf_matrix[1][3]   0.01420398 
_atom_sites.fract_transf_matrix[2][1]   -0.02213867 
_atom_sites.fract_transf_matrix[2][2]   0.02764887 
_atom_sites.fract_transf_matrix[2][3]   -0.00331665 
_atom_sites.fract_transf_matrix[3][1]   -0.00692924 
_atom_sites.fract_transf_matrix[3][2]   -0.00347925 
_atom_sites.fract_transf_matrix[3][3]   0.01724837 
_atom_sites.fract_transf_vector[1]      0.419007 
_atom_sites.fract_transf_vector[2]      0.468619 
_atom_sites.fract_transf_vector[3]      0.231144 
# 
loop_
_atom_type.symbol 
C 
N 
O 
P 
# 
loop_
_atom_site.group_PDB 
_atom_site.id 
_atom_site.type_symbol 
_atom_site.label_atom_id 
_atom_site.label_alt_id 
_atom_site.label_comp_id 
_atom_site.label_asym_id 
_atom_site.label_entity_id 
_atom_site.label_seq_id 
_atom_site.pdbx_PDB_ins_code 
_atom_site.Cartn_x 
_atom_site.Cartn_y 
_atom_site.Cartn_z 
_atom_site.occupancy 
_atom_site.B_iso_or_equiv 
_atom_site.pdbx_formal_charge 
_atom_site.auth_seq_id 
_atom_site.auth_comp_id 
_atom_site.auth_asym_id 
_atom_site.auth_atom_id 
_atom_site.pdbx_PDB_model_num 
ATOM   1   O "O5'" . DT  A 1 1 ? 4.000   -2.268  13.051  1.00 18.25 ? 1  DT  A "O5'" 1 
ATOM   2   C "C5'" . DT  A 1 1 ? 3.828   -3.371  13.954  1.00 0.64  ? 1  DT  A "C5'" 1 
ATOM   3   C "C4'" . DT  A 1 1 ? 2.465   -3.797  13.535  1.00 18.66 ? 1  DT  A "C4'" 1 
ATOM   4   O "O4'" . DT  A 1 1 ? 1.333   -3.112  13.960  1.00 13.15 ? 1  DT  A "O4'" 1 
ATOM   5   C "C3'" . DT  A 1 1 ? 2.385   -3.734  11.997  1.00 18.17 ? 1  DT  A "C3'" 1 
ATOM   6   O "O3'" . DT  A 1 1 ? 1.899   -5.059  11.639  1.00 22.58 ? 1  DT  A "O3'" 1 
ATOM   7   C "C2'" . DT  A 1 1 ? 1.282   -2.695  11.688  1.00 16.25 ? 1  DT  A "C2'" 1 
ATOM   8   C "C1'" . DT  A 1 1 ? 0.364   -3.066  12.873  1.00 12.32 ? 1  DT  A "C1'" 1 
ATOM   9   N N1    . DT  A 1 1 ? -0.326  -1.759  13.034  1.00 9.81  ? 1  DT  A N1    1 
ATOM   10  C C2    . DT  A 1 1 ? -1.619  -1.669  12.711  1.00 2.28  ? 1  DT  A C2    1 
ATOM   11  O O2    . DT  A 1 1 ? -2.295  -2.594  12.346  1.00 7.67  ? 1  DT  A O2    1 
ATOM   12  N N3    . DT  A 1 1 ? -2.068  -0.434  12.886  1.00 7.37  ? 1  DT  A N3    1 
ATOM   13  C C4    . DT  A 1 1 ? -1.260  0.619   13.306  1.00 2.12  ? 1  DT  A C4    1 
ATOM   14  O O4    . DT  A 1 1 ? -1.742  1.858   13.415  1.00 3.34  ? 1  DT  A O4    1 
ATOM   15  C C5    . DT  A 1 1 ? 0.091   0.464   13.586  1.00 4.98  ? 1  DT  A C5    1 
ATOM   16  C C7    . DT  A 1 1 ? 0.986   1.585   14.056  1.00 7.14  ? 1  DT  A C7    1 
ATOM   17  C C6    . DT  A 1 1 ? 0.541   -0.753  13.423  1.00 6.66  ? 1  DT  A C6    1 
ATOM   18  P P     . DG  A 1 2 ? 2.701   -6.019  10.683  1.00 19.61 ? 2  DG  A P     1 
ATOM   19  O OP1   . DG  A 1 2 ? 1.901   -7.122  11.374  1.00 30.46 ? 2  DG  A OP1   1 
ATOM   20  O OP2   . DG  A 1 2 ? 4.083   -5.736  11.046  1.00 16.52 ? 2  DG  A OP2   1 
ATOM   21  O "O5'" . DG  A 1 2 ? 2.187   -6.130  9.179   1.00 14.70 ? 2  DG  A "O5'" 1 
ATOM   22  C "C5'" . DG  A 1 2 ? 0.738   -6.447  9.060   1.00 14.58 ? 2  DG  A "C5'" 1 
ATOM   23  C "C4'" . DG  A 1 2 ? 0.334   -5.928  7.698   1.00 11.30 ? 2  DG  A "C4'" 1 
ATOM   24  O "O4'" . DG  A 1 2 ? 0.069   -4.493  7.713   1.00 8.82  ? 2  DG  A "O4'" 1 
ATOM   25  C "C3'" . DG  A 1 2 ? 1.476   -6.136  6.752   1.00 10.00 ? 2  DG  A "C3'" 1 
ATOM   26  O "O3'" . DG  A 1 2 ? 1.199   -6.096  5.419   1.00 23.41 ? 2  DG  A "O3'" 1 
ATOM   27  C "C2'" . DG  A 1 2 ? 2.205   -4.738  7.008   1.00 10.18 ? 2  DG  A "C2'" 1 
ATOM   28  C "C1'" . DG  A 1 2 ? 1.002   -3.715  6.888   1.00 4.81  ? 2  DG  A "C1'" 1 
ATOM   29  N N9    . DG  A 1 2 ? 1.346   -2.369  7.100   1.00 7.71  ? 2  DG  A N9    1 
ATOM   30  C C8    . DG  A 1 2 ? 2.524   -1.799  7.607   1.00 1.01  ? 2  DG  A C8    1 
ATOM   31  N N7    . DG  A 1 2 ? 2.502   -0.456  7.706   1.00 7.53  ? 2  DG  A N7    1 
ATOM   32  C C5    . DG  A 1 2 ? 1.245   -0.129  7.151   1.00 0.92  ? 2  DG  A C5    1 
ATOM   33  C C6    . DG  A 1 2 ? 0.745   1.143   6.987   1.00 4.05  ? 2  DG  A C6    1 
ATOM   34  O O6    . DG  A 1 2 ? 1.292   2.280   7.291   1.00 4.16  ? 2  DG  A O6    1 
ATOM   35  N N1    . DG  A 1 2 ? -0.562  0.999   6.457   1.00 2.53  ? 2  DG  A N1    1 
ATOM   36  C C2    . DG  A 1 2 ? -1.196  -0.061  6.133   1.00 2.20  ? 2  DG  A C2    1 
ATOM   37  N N2    . DG  A 1 2 ? -2.375  0.129   5.663   1.00 4.61  ? 2  DG  A N2    1 
ATOM   38  N N3    . DG  A 1 2 ? -0.667  -1.291  6.300   1.00 2.08  ? 2  DG  A N3    1 
ATOM   39  C C4    . DG  A 1 2 ? 0.570   -1.261  6.832   1.00 4.59  ? 2  DG  A C4    1 
ATOM   40  P P     . DA  A 1 3 ? 1.567   -7.043  4.251   1.00 17.70 ? 3  DA  A P     1 
ATOM   41  O OP1   . DA  A 1 3 ? 1.616   -8.519  4.617   1.00 16.10 ? 3  DA  A OP1   1 
ATOM   42  O OP2   . DA  A 1 3 ? 2.779   -6.631  3.517   1.00 16.01 ? 3  DA  A OP2   1 
ATOM   43  O "O5'" . DA  A 1 3 ? 0.351   -6.626  3.337   1.00 8.41  ? 3  DA  A "O5'" 1 
ATOM   44  C "C5'" . DA  A 1 3 ? -0.906  -6.690  4.048   1.00 7.56  ? 3  DA  A "C5'" 1 
ATOM   45  C "C4'" . DA  A 1 3 ? -1.836  -6.001  3.043   1.00 10.20 ? 3  DA  A "C4'" 1 
ATOM   46  O "O4'" . DA  A 1 3 ? -1.820  -4.694  3.475   1.00 5.85  ? 3  DA  A "O4'" 1 
ATOM   47  C "C3'" . DA  A 1 3 ? -1.379  -6.044  1.577   1.00 6.37  ? 3  DA  A "C3'" 1 
ATOM   48  O "O3'" . DA  A 1 3 ? -2.491  -6.435  0.778   1.00 10.30 ? 3  DA  A "O3'" 1 
ATOM   49  C "C2'" . DA  A 1 3 ? -0.787  -4.592  1.481   1.00 19.30 ? 3  DA  A "C2'" 1 
ATOM   50  C "C1'" . DA  A 1 3 ? -1.557  -3.697  2.501   1.00 9.13  ? 3  DA  A "C1'" 1 
ATOM   51  N N9    . DA  A 1 3 ? -0.688  -2.597  2.879   1.00 6.82  ? 3  DA  A N9    1 
ATOM   52  C C8    . DA  A 1 3 ? 0.641   -2.821  3.328   1.00 2.85  ? 3  DA  A C8    1 
ATOM   53  N N7    . DA  A 1 3 ? 1.291   -1.764  3.518   1.00 2.59  ? 3  DA  A N7    1 
ATOM   54  C C5    . DA  A 1 3 ? 0.461   -0.749  3.285   1.00 8.22  ? 3  DA  A C5    1 
ATOM   55  C C6    . DA  A 1 3 ? 0.608   0.626   3.315   1.00 3.34  ? 3  DA  A C6    1 
ATOM   56  N N6    . DA  A 1 3 ? 1.826   1.163   3.738   1.00 9.48  ? 3  DA  A N6    1 
ATOM   57  N N1    . DA  A 1 3 ? -0.523  1.370   2.923   1.00 3.49  ? 3  DA  A N1    1 
ATOM   58  C C2    . DA  A 1 3 ? -1.592  0.805   2.571   1.00 2.14  ? 3  DA  A C2    1 
ATOM   59  N N3    . DA  A 1 3 ? -1.934  -0.506  2.471   1.00 7.59  ? 3  DA  A N3    1 
ATOM   60  C C4    . DA  A 1 3 ? -0.759  -1.242  2.846   1.00 5.81  ? 3  DA  A C4    1 
ATOM   61  P P     . DT  A 1 4 ? -3.113  -6.372  -0.671  1.00 11.44 ? 4  DT  A P     1 
ATOM   62  O OP1   . DT  A 1 4 ? -4.594  -6.933  -0.735  1.00 18.19 ? 4  DT  A OP1   1 
ATOM   63  O OP2   . DT  A 1 4 ? -2.070  -7.289  -1.255  1.00 6.50  ? 4  DT  A OP2   1 
ATOM   64  O "O5'" . DT  A 1 4 ? -3.481  -4.997  -1.405  1.00 10.47 ? 4  DT  A "O5'" 1 
ATOM   65  C "C5'" . DT  A 1 4 ? -4.748  -4.541  -0.935  1.00 5.93  ? 4  DT  A "C5'" 1 
ATOM   66  C "C4'" . DT  A 1 4 ? -4.670  -3.170  -1.601  1.00 5.44  ? 4  DT  A "C4'" 1 
ATOM   67  O "O4'" . DT  A 1 4 ? -3.553  -2.664  -1.068  1.00 10.37 ? 4  DT  A "O4'" 1 
ATOM   68  C "C3'" . DT  A 1 4 ? -4.403  -2.979  -3.084  1.00 5.48  ? 4  DT  A "C3'" 1 
ATOM   69  O "O3'" . DT  A 1 4 ? -5.399  -2.161  -3.732  1.00 10.90 ? 4  DT  A "O3'" 1 
ATOM   70  C "C2'" . DT  A 1 4 ? -3.087  -2.350  -3.409  1.00 2.99  ? 4  DT  A "C2'" 1 
ATOM   71  C "C1'" . DT  A 1 4 ? -2.888  -1.832  -2.071  1.00 7.60  ? 4  DT  A "C1'" 1 
ATOM   72  N N1    . DT  A 1 4 ? -1.562  -1.559  -1.529  1.00 3.91  ? 4  DT  A N1    1 
ATOM   73  C C2    . DT  A 1 4 ? -1.317  -0.238  -1.170  1.00 6.39  ? 4  DT  A C2    1 
ATOM   74  O O2    . DT  A 1 4 ? -2.147  0.585   -1.367  1.00 16.48 ? 4  DT  A O2    1 
ATOM   75  N N3    . DT  A 1 4 ? -0.136  0.058   -0.648  1.00 1.77  ? 4  DT  A N3    1 
ATOM   76  C C4    . DT  A 1 4 ? 0.828   -0.902  -0.373  1.00 10.64 ? 4  DT  A C4    1 
ATOM   77  O O4    . DT  A 1 4 ? 1.896   -0.540  0.124   1.00 9.38  ? 4  DT  A O4    1 
ATOM   78  C C5    . DT  A 1 4 ? 0.538   -2.269  -0.753  1.00 6.19  ? 4  DT  A C5    1 
ATOM   79  C C7    . DT  A 1 4 ? 1.650   -3.258  -0.478  1.00 0.63  ? 4  DT  A C7    1 
ATOM   80  C C6    . DT  A 1 4 ? -0.607  -2.559  -1.295  1.00 7.37  ? 4  DT  A C6    1 
ATOM   81  P P     . DC  A 1 5 ? -5.628  -2.518  -5.298  1.00 10.29 ? 5  DC  A P     1 
ATOM   82  O OP1   . DC  A 1 5 ? -7.021  -2.381  -5.778  1.00 22.14 ? 5  DC  A OP1   1 
ATOM   83  O OP2   . DC  A 1 5 ? -5.379  -3.975  -5.446  1.00 11.03 ? 5  DC  A OP2   1 
ATOM   84  O "O5'" . DC  A 1 5 ? -4.514  -1.470  -5.869  1.00 20.12 ? 5  DC  A "O5'" 1 
ATOM   85  C "C5'" . DC  A 1 5 ? -4.621  -0.174  -5.314  1.00 6.42  ? 5  DC  A "C5'" 1 
ATOM   86  C "C4'" . DC  A 1 5 ? -3.673  0.675   -6.049  1.00 3.30  ? 5  DC  A "C4'" 1 
ATOM   87  O "O4'" . DC  A 1 5 ? -2.637  0.946   -5.074  1.00 5.96  ? 5  DC  A "O4'" 1 
ATOM   88  C "C3'" . DC  A 1 5 ? -3.091  0.320   -7.377  1.00 10.10 ? 5  DC  A "C3'" 1 
ATOM   89  O "O3'" . DC  A 1 5 ? -2.824  1.499   -8.162  1.00 13.67 ? 5  DC  A "O3'" 1 
ATOM   90  C "C2'" . DC  A 1 5 ? -1.739  -0.311  -6.891  1.00 11.10 ? 5  DC  A "C2'" 1 
ATOM   91  C "C1'" . DC  A 1 5 ? -1.400  0.522   -5.643  1.00 7.85  ? 5  DC  A "C1'" 1 
ATOM   92  N N1    . DC  A 1 5 ? -0.365  -0.030  -4.850  1.00 2.05  ? 5  DC  A N1    1 
ATOM   93  C C2    . DC  A 1 5 ? 0.351   0.886   -4.077  1.00 3.03  ? 5  DC  A C2    1 
ATOM   94  O O2    . DC  A 1 5 ? -0.159  1.969   -4.005  1.00 3.15  ? 5  DC  A O2    1 
ATOM   95  N N3    . DC  A 1 5 ? 1.560   0.524   -3.438  1.00 2.03  ? 5  DC  A N3    1 
ATOM   96  C C4    . DC  A 1 5 ? 2.021   -0.761  -3.512  1.00 4.58  ? 5  DC  A C4    1 
ATOM   97  N N4    . DC  A 1 5 ? 3.201   -1.172  -2.895  1.00 4.51  ? 5  DC  A N4    1 
ATOM   98  C C5    . DC  A 1 5 ? 1.357   -1.621  -4.289  1.00 6.13  ? 5  DC  A C5    1 
ATOM   99  C C6    . DC  A 1 5 ? 0.227   -1.242  -4.950  1.00 7.79  ? 5  DC  A C6    1 
ATOM   100 P P     . DA  A 1 6 ? -3.570  2.245   -9.297  1.00 5.82  ? 6  DA  A P     1 
ATOM   101 O OP1   . DA  A 1 6 ? -5.044  2.462   -8.808  1.00 13.20 ? 6  DA  A OP1   1 
ATOM   102 O OP2   . DA  A 1 6 ? -3.563  1.183   -10.360 1.00 3.41  ? 6  DA  A OP2   1 
ATOM   103 O "O5'" . DA  A 1 6 ? -3.181  3.664   -9.777  1.00 4.90  ? 6  DA  A "O5'" 1 
ATOM   104 C "C5'" . DA  A 1 6 ? -3.814  4.753   -9.133  1.00 2.56  ? 6  DA  A "C5'" 1 
ATOM   105 C "C4'" . DA  A 1 6 ? -2.799  5.916   -9.349  1.00 12.19 ? 6  DA  A "C4'" 1 
ATOM   106 O "O4'" . DA  A 1 6 ? -1.367  5.866   -9.166  1.00 6.77  ? 6  DA  A "O4'" 1 
ATOM   107 C "C3'" . DA  A 1 6 ? -2.849  6.318   -10.818 1.00 5.71  ? 6  DA  A "C3'" 1 
ATOM   108 O "O3'" . DA  A 1 6 ? -2.286  7.597   -10.914 1.00 3.79  ? 6  DA  A "O3'" 1 
ATOM   109 C "C2'" . DA  A 1 6 ? -1.763  5.460   -11.472 1.00 7.77  ? 6  DA  A "C2'" 1 
ATOM   110 C "C1'" . DA  A 1 6 ? -0.675  5.919   -10.449 1.00 3.21  ? 6  DA  A "C1'" 1 
ATOM   111 N N9    . DA  A 1 6 ? 0.279   4.834   -10.447 1.00 14.71 ? 6  DA  A N9    1 
ATOM   112 C C8    . DA  A 1 6 ? 0.056   3.547   -10.796 1.00 3.67  ? 6  DA  A C8    1 
ATOM   113 N N7    . DA  A 1 6 ? 1.013   2.616   -10.657 1.00 0.31  ? 6  DA  A N7    1 
ATOM   114 C C5    . DA  A 1 6 ? 2.037   3.519   -10.116 1.00 3.73  ? 6  DA  A C5    1 
ATOM   115 C C6    . DA  A 1 6 ? 3.369   3.248   -9.740  1.00 6.47  ? 6  DA  A C6    1 
ATOM   116 N N6    . DA  A 1 6 ? 3.907   2.022   -9.840  1.00 4.04  ? 6  DA  A N6    1 
ATOM   117 N N1    . DA  A 1 6 ? 4.134   4.272   -9.272  1.00 2.41  ? 6  DA  A N1    1 
ATOM   118 C C2    . DA  A 1 6 ? 3.560   5.569   -9.165  1.00 7.01  ? 6  DA  A C2    1 
ATOM   119 N N3    . DA  A 1 6 ? 2.244   5.970   -9.509  1.00 3.43  ? 6  DA  A N3    1 
ATOM   120 C C4    . DA  A 1 6 ? 1.594   4.811   -9.987  1.00 4.40  ? 6  DA  A C4    1 
HETATM 121 C C1    . DM1 B 2 . ? 5.515   -0.602  -5.763  1.00 7.57  ? 7  DM1 A C1    1 
HETATM 122 C C2    . DM1 B 2 . ? 5.204   -1.926  -6.150  1.00 5.90  ? 7  DM1 A C2    1 
HETATM 123 C C3    . DM1 B 2 . ? 4.046   -2.221  -6.733  1.00 2.72  ? 7  DM1 A C3    1 
HETATM 124 C C4    . DM1 B 2 . ? 3.084   -1.195  -6.958  1.00 8.96  ? 7  DM1 A C4    1 
HETATM 125 O O4    . DM1 B 2 . ? 1.995   -1.439  -7.655  1.00 0.63  ? 7  DM1 A O4    1 
HETATM 126 C C5    . DM1 B 2 . ? 3.404   0.153   -6.593  1.00 11.21 ? 7  DM1 A C5    1 
HETATM 127 C C6    . DM1 B 2 . ? 2.375   1.299   -6.856  1.00 1.42  ? 7  DM1 A C6    1 
HETATM 128 O O6    . DM1 B 2 . ? 1.325   1.091   -7.384  1.00 3.31  ? 7  DM1 A O6    1 
HETATM 129 C C7    . DM1 B 2 . ? 2.857   2.618   -6.426  1.00 6.60  ? 7  DM1 A C7    1 
HETATM 130 C C8    . DM1 B 2 . ? 2.001   3.715   -6.646  1.00 3.20  ? 7  DM1 A C8    1 
HETATM 131 O O8    . DM1 B 2 . ? 0.721   3.596   -7.290  1.00 5.14  ? 7  DM1 A O8    1 
HETATM 132 C C9    . DM1 B 2 . ? 2.360   5.030   -6.249  1.00 8.08  ? 7  DM1 A C9    1 
HETATM 133 C C10   . DM1 B 2 . ? 1.256   6.172   -6.236  1.00 5.01  ? 7  DM1 A C10   1 
HETATM 134 O O10   . DM1 B 2 . ? 0.342   5.894   -5.261  1.00 14.18 ? 7  DM1 A O10   1 
HETATM 135 C C11   . DM1 B 2 . ? 2.063   7.509   -5.967  1.00 3.74  ? 7  DM1 A C11   1 
HETATM 136 C C12   . DM1 B 2 . ? 2.876   7.465   -4.733  1.00 5.86  ? 7  DM1 A C12   1 
HETATM 137 O O12   . DM1 B 2 . ? 2.291   7.009   -3.495  1.00 3.55  ? 7  DM1 A O12   1 
HETATM 138 C C13   . DM1 B 2 . ? 3.464   8.892   -4.487  1.00 10.79 ? 7  DM1 A C13   1 
HETATM 139 O O13   . DM1 B 2 . ? 4.271   9.293   -5.294  1.00 5.79  ? 7  DM1 A O13   1 
HETATM 140 C C14   . DM1 B 2 . ? 3.430   9.481   -3.112  1.00 16.98 ? 7  DM1 A C14   1 
HETATM 141 C C15   . DM1 B 2 . ? 4.011   6.416   -4.900  1.00 6.72  ? 7  DM1 A C15   1 
HETATM 142 C C16   . DM1 B 2 . ? 3.619   5.239   -5.706  1.00 3.67  ? 7  DM1 A C16   1 
HETATM 143 C C17   . DM1 B 2 . ? 4.511   4.143   -5.477  1.00 2.90  ? 7  DM1 A C17   1 
HETATM 144 O O17   . DM1 B 2 . ? 5.736   4.340   -4.951  1.00 6.02  ? 7  DM1 A O17   1 
HETATM 145 C C18   . DM1 B 2 . ? 4.060   2.849   -5.872  1.00 3.51  ? 7  DM1 A C18   1 
HETATM 146 C C19   . DM1 B 2 . ? 5.004   1.750   -5.657  1.00 2.58  ? 7  DM1 A C19   1 
HETATM 147 O O19   . DM1 B 2 . ? 6.160   2.009   -5.065  1.00 13.62 ? 7  DM1 A O19   1 
HETATM 148 C C20   . DM1 B 2 . ? 4.628   0.400   -6.039  1.00 3.66  ? 7  DM1 A C20   1 
HETATM 149 C C21   . DM1 B 2 . ? 1.379   -2.698  -7.652  1.00 8.57  ? 7  DM1 A C21   1 
HETATM 150 C "C1'" . DM1 B 2 . ? -0.954  5.619   -5.664  1.00 5.06  ? 7  DM1 A "C1'" 1 
HETATM 151 C "C2'" . DM1 B 2 . ? -1.665  4.336   -5.217  1.00 4.85  ? 7  DM1 A "C2'" 1 
HETATM 152 C "C3'" . DM1 B 2 . ? -1.636  4.267   -3.689  1.00 14.18 ? 7  DM1 A "C3'" 1 
HETATM 153 N "N3'" . DM1 B 2 . ? -2.428  3.050   -3.266  1.00 11.06 ? 7  DM1 A "N3'" 1 
HETATM 154 C "C4'" . DM1 B 2 . ? -2.094  5.532   -2.933  1.00 22.81 ? 7  DM1 A "C4'" 1 
HETATM 155 O "O4'" . DM1 B 2 . ? -3.535  5.509   -3.337  1.00 14.77 ? 7  DM1 A "O4'" 1 
HETATM 156 C "C5'" . DM1 B 2 . ? -2.003  6.764   -3.918  1.00 19.49 ? 7  DM1 A "C5'" 1 
HETATM 157 O "O5'" . DM1 B 2 . ? -1.352  6.766   -5.013  1.00 16.91 ? 7  DM1 A "O5'" 1 
HETATM 158 C "C6'" . DM1 B 2 . ? -1.777  8.008   -2.973  1.00 21.47 ? 7  DM1 A "C6'" 1 
HETATM 159 O O     . HOH C 3 . ? -8.554  -4.643  -7.251  1.00 45.70 ? 8  HOH A O     1 
HETATM 160 O O     . HOH C 3 . ? -1.603  4.581   14.379  1.00 20.49 ? 9  HOH A O     1 
HETATM 161 O O     . HOH C 3 . ? -3.945  9.211   -4.258  1.00 18.30 ? 10 HOH A O     1 
HETATM 162 O O     . HOH C 3 . ? -0.415  -6.304  -3.040  1.00 33.54 ? 11 HOH A O     1 
HETATM 163 O O     . HOH C 3 . ? 5.456   -1.722  10.801  1.00 16.96 ? 12 HOH A O     1 
HETATM 164 O O     . HOH C 3 . ? 1.764   8.594   -9.395  1.00 8.15  ? 13 HOH A O     1 
HETATM 165 O O     . HOH C 3 . ? -8.027  3.875   -10.677 1.00 16.92 ? 14 HOH A O     1 
HETATM 166 O O     . HOH C 3 . ? -4.444  4.695   13.243  1.00 13.22 ? 15 HOH A O     1 
HETATM 167 O O     . HOH C 3 . ? 2.314   5.128   8.717   1.00 20.33 ? 16 HOH A O     1 
HETATM 168 O O     . HOH C 3 . ? 7.931   -10.045 10.760  1.00 22.37 ? 17 HOH A O     1 
HETATM 169 O O     . HOH C 3 . ? 5.505   -4.032  8.830   1.00 20.97 ? 18 HOH A O     1 
HETATM 170 O O     . HOH C 3 . ? 5.919   -8.919  9.437   1.00 28.18 ? 19 HOH A O     1 
HETATM 171 O O     . HOH C 3 . ? 5.138   -1.593  4.837   1.00 35.92 ? 20 HOH A O     1 
HETATM 172 O O     . HOH C 3 . ? 3.377   -6.806  -1.411  1.00 52.47 ? 21 HOH A O     1 
HETATM 173 O O     . HOH C 3 . ? 3.987   -7.009  7.098   1.00 7.86  ? 22 HOH A O     1 
HETATM 174 O O     . HOH C 3 . ? -4.080  0.695   -0.093  1.00 19.38 ? 23 HOH A O     1 
HETATM 175 O O     . HOH C 3 . ? -8.699  -0.201  -6.847  1.00 12.80 ? 24 HOH A O     1 
HETATM 176 O O     . HOH C 3 . ? -6.334  6.201   -1.626  1.00 22.25 ? 25 HOH A O     1 
HETATM 177 O O     . HOH C 3 . ? -1.949  -7.243  -5.028  1.00 31.58 ? 26 HOH A O     1 
HETATM 178 O O     . HOH C 3 . ? 1.975   -9.477  9.055   1.00 50.67 ? 27 HOH A O     1 
HETATM 179 O O     . HOH C 3 . ? -2.525  10.940  -6.127  1.00 54.18 ? 28 HOH A O     1 
HETATM 180 O O     . HOH C 3 . ? -11.701 9.545   8.551   1.00 27.30 ? 29 HOH A O     1 
HETATM 181 O O     . HOH C 3 . ? -6.837  0.628   -2.954  1.00 57.96 ? 30 HOH A O     1 
HETATM 182 O O     . HOH C 3 . ? -2.023  -3.653  -6.353  1.00 11.47 ? 31 HOH A O     1 
HETATM 183 O O     . HOH C 3 . ? 2.272   -9.057  12.921  1.00 50.50 ? 32 HOH A O     1 
HETATM 184 O O     . HOH C 3 . ? 2.760   11.793  -6.594  1.00 35.56 ? 33 HOH A O     1 
HETATM 185 O O     . HOH C 3 . ? 5.045   0.755   4.901   1.00 28.28 ? 34 HOH A O     1 
HETATM 186 O O     . HOH C 3 . ? -1.852  -7.818  12.003  1.00 48.47 ? 35 HOH A O     1 
HETATM 187 O O     . HOH C 3 . ? 7.095   -4.026  10.774  1.00 18.15 ? 36 HOH A O     1 
HETATM 188 O O     . HOH C 3 . ? -6.552  0.323   -9.961  1.00 50.41 ? 37 HOH A O     1 
HETATM 189 O O     . HOH C 3 . ? 3.982   5.160   5.600   1.00 49.22 ? 38 HOH A O     1 
HETATM 190 O O     . HOH C 3 . ? 3.614   -9.628  8.867   1.00 44.46 ? 39 HOH A O     1 
HETATM 191 O O     . HOH C 3 . ? -6.218  9.557   -2.992  1.00 34.85 ? 40 HOH A O     1 
HETATM 192 O O     . HOH C 3 . ? -2.665  11.141  -10.306 1.00 48.58 ? 41 HOH A O     1 
HETATM 193 O O     . HOH C 3 . ? -4.337  6.688   -5.636  1.00 26.49 ? 42 HOH A O     1 
HETATM 194 O O     . HOH C 3 . ? 6.993   -4.210  4.626   1.00 52.02 ? 43 HOH A O     1 
HETATM 195 O O     . HOH C 3 . ? -6.716  4.735   -6.830  1.00 33.36 ? 44 HOH A O     1 
HETATM 196 O O     . HOH C 3 . ? 5.061   1.382   9.145   1.00 40.53 ? 45 HOH A O     1 
HETATM 197 O O     . HOH C 3 . ? -6.737  -7.660  -2.833  1.00 27.83 ? 46 HOH A O     1 
HETATM 198 O O     . HOH C 3 . ? -7.915  8.279   -2.795  1.00 63.70 ? 47 HOH A O     1 
HETATM 199 O O     . HOH C 3 . ? 1.629   -8.737  7.233   1.00 55.54 ? 48 HOH A O     1 
HETATM 200 O O     . HOH C 3 . ? 4.205   0.057   12.072  1.00 36.76 ? 49 HOH A O     1 
HETATM 201 O O     . HOH C 3 . ? -2.289  7.771   -5.913  1.00 42.71 ? 50 HOH A O     1 
HETATM 202 O O     . HOH C 3 . ? 8.305   -7.578  11.988  1.00 29.22 ? 51 HOH A O     1 
HETATM 203 O O     . HOH C 3 . ? -9.065  0.368   -3.099  1.00 60.11 ? 52 HOH A O     1 
HETATM 204 O O     . HOH C 3 . ? 6.279   3.321   6.598   1.00 27.45 ? 53 HOH A O     1 
HETATM 205 O O     . HOH C 3 . ? 3.614   -8.044  0.876   1.00 55.01 ? 54 HOH A O     1 
HETATM 206 O O     . HOH C 3 . ? 4.831   -10.203 6.022   1.00 45.20 ? 55 HOH A O     1 
HETATM 207 O O     . HOH C 3 . ? -8.281  -5.146  -1.881  1.00 29.67 ? 56 HOH A O     1 
HETATM 208 O O     . HOH C 3 . ? 6.671   -6.566  12.057  1.00 32.68 ? 57 HOH A O     1 
HETATM 209 O O     . HOH C 3 . ? -1.273  8.131   -7.159  1.00 48.33 ? 58 HOH A O     1 
HETATM 210 O O     . HOH C 3 . ? 0.636   10.971  -11.273 1.00 40.45 ? 59 HOH A O     1 
# 
